data_9NOW
#
_entry.id   9NOW
#
_cell.length_a   1.00
_cell.length_b   1.00
_cell.length_c   1.00
_cell.angle_alpha   90.00
_cell.angle_beta   90.00
_cell.angle_gamma   90.00
#
_symmetry.space_group_name_H-M   'P 1'
#
loop_
_entity.id
_entity.type
_entity.pdbx_description
1 polymer 'Taste receptor type 1 member 3'
2 polymer 'Taste receptor type 1 member 2'
3 non-polymer 2-acetamido-2-deoxy-beta-D-glucopyranose
#
loop_
_entity_poly.entity_id
_entity_poly.type
_entity_poly.pdbx_seq_one_letter_code
_entity_poly.pdbx_strand_id
1 'polypeptide(L)'
;MKTIIALSYIFCLVFADYKDDDDKAAAAPLCLSQQLRMKGDYVLGGLFPLGEAEEAGLRSRTRPSSPVCTRFSSNGLLWA
LAMKMAVEEINNKSDLLPGLRLGYDLFDTCSEPVVAMKPSLMFLAKAGSRDIAAYCNYTQYQPRVLAVIGPHSSELAMVT
GKFFSFFLMPQVSYGASMELLSARETFPSFFRTVPSDRVQLTAAAELLQEFGWNWVAALGSDDEYGRQGLSIFSALAAAR
GICIAHEGLVPLPRADDSRLGKVQDVLHQVNQSSVQVVLLFASVHAAHALFNYSISSRLSPKVWVASEAWLTSDLVMGLP
GMAQMGTVLGFLQRGAQLHEFPQYVKTHLALATDPAFCSALGEREQGLEEDVVGQRCPQCDCITLQNVSAGLNHHQTFSV
YAAVYSVAQALHNTLQCNASGCPAQDPVKPWQLLENMYNLTFHVGGLPLRFDSSGNVDMEYDLKLWVWQGSVPRLHDVGR
FNGSLRTERLKIRWHTSDNQKPVSRCSRQCQEGQVRRVKGFHSCCYDC
;
B
2 'polypeptide(L)'
;MKTIIALSYIFCLVFAYPYDVPDYAAAAEPAENSDFYLPGDYLLGGLFSLHANMKGIVHLNFLQVPMCKEYEVKVIGYNL
MQAMRFAVEEINNDSSLLPGVLLGYEIVDVCYISNNVQPVLYFLAHEDNLLPIQEDYSNYISRVVAVIGPDNSESVMTVA
NFLSLFLLPQITYSAISDELRDKVRFPALLRTTPSADHHIEAMVQLMLHFRWNWIIVLVSSDTYGRDNGQLLGERVARRD
ICIAFQETLPTLQPNQNMTSEERQRLVTIVDKLQQSTARVVVVFSPDLTLYHFFNEVLRQNFTGAVWIASESWAIDPVLH
NLTELRHLGTFLGITIQSVPIPGFSEFREWGPQAGPPPLSRTSQSYTCNQECDNCLNATLSFNTILRLSGERVVYSVYSA
VYAVAHALHSLLGCDKSTCTKRVVYPWQLLEEIWKVNFTLLDHQIFFDPQGDVALHLEIVQWQWDRSQNPFQSVASYYPL
QRQLKNIQDISWHTINNTIPMSMCSKRCQSGQKKKPVGIHVCCFECI
;
A
#
loop_
_chem_comp.id
_chem_comp.type
_chem_comp.name
_chem_comp.formula
NAG D-saccharide, beta linking 2-acetamido-2-deoxy-beta-D-glucopyranose 'C8 H15 N O6'
#
# COMPACT_ATOMS: atom_id res chain seq x y z
N LEU A 30 9.39 9.75 39.54
CA LEU A 30 9.78 8.39 39.15
C LEU A 30 10.97 8.42 38.20
N CYS A 31 11.18 9.57 37.56
CA CYS A 31 12.33 9.81 36.68
C CYS A 31 12.52 8.70 35.64
N LEU A 32 11.40 8.08 35.22
CA LEU A 32 11.47 7.00 34.24
C LEU A 32 11.81 7.51 32.84
N SER A 33 11.29 8.68 32.47
CA SER A 33 11.53 9.19 31.12
C SER A 33 12.98 9.62 30.92
N GLN A 34 13.69 9.94 32.01
CA GLN A 34 15.09 10.32 31.89
C GLN A 34 15.96 9.17 31.40
N GLN A 35 15.48 7.94 31.52
CA GLN A 35 16.21 6.76 31.05
C GLN A 35 15.98 6.47 29.58
N LEU A 36 15.13 7.24 28.90
CA LEU A 36 14.85 6.99 27.49
C LEU A 36 16.02 7.35 26.60
N ARG A 37 16.99 8.11 27.11
CA ARG A 37 18.18 8.49 26.36
C ARG A 37 19.41 8.10 27.15
N MET A 38 20.38 7.47 26.49
CA MET A 38 21.64 7.11 27.11
C MET A 38 22.76 7.29 26.10
N LYS A 39 23.82 7.98 26.51
CA LYS A 39 24.93 8.27 25.60
C LYS A 39 25.79 7.03 25.40
N GLY A 40 26.48 7.00 24.25
CA GLY A 40 27.33 5.88 23.93
C GLY A 40 28.07 6.15 22.63
N ASP A 41 28.95 5.21 22.28
CA ASP A 41 29.75 5.35 21.06
C ASP A 41 28.86 5.31 19.83
N TYR A 42 28.01 4.28 19.73
CA TYR A 42 27.09 4.13 18.61
C TYR A 42 25.69 4.02 19.18
N VAL A 43 24.95 5.13 19.22
CA VAL A 43 23.63 5.11 19.80
C VAL A 43 22.66 4.39 18.88
N LEU A 44 21.55 3.94 19.45
CA LEU A 44 20.51 3.22 18.74
C LEU A 44 19.25 4.07 18.66
N GLY A 45 18.43 3.77 17.65
CA GLY A 45 17.14 4.40 17.50
C GLY A 45 16.04 3.57 18.16
N GLY A 46 14.85 4.16 18.20
CA GLY A 46 13.72 3.47 18.77
C GLY A 46 12.40 4.15 18.53
N LEU A 47 11.41 3.39 18.07
CA LEU A 47 10.06 3.89 17.85
C LEU A 47 9.10 2.96 18.57
N PHE A 48 8.48 3.45 19.64
CA PHE A 48 7.65 2.63 20.50
C PHE A 48 6.30 3.28 20.70
N PRO A 49 5.24 2.49 20.87
CA PRO A 49 3.90 3.04 21.14
C PRO A 49 3.73 3.43 22.61
N LEU A 50 4.54 4.40 23.06
CA LEU A 50 4.50 4.82 24.44
C LEU A 50 3.17 5.47 24.80
N GLY A 51 2.63 6.28 23.88
CA GLY A 51 1.40 7.00 24.14
C GLY A 51 0.35 6.72 23.08
N GLU A 52 -0.88 7.09 23.41
CA GLU A 52 -2.01 6.96 22.50
C GLU A 52 -2.82 8.25 22.51
N ALA A 53 -3.49 8.53 21.40
CA ALA A 53 -4.33 9.71 21.29
C ALA A 53 -5.63 9.54 22.06
N ARG A 61 -6.22 19.40 12.83
CA ARG A 61 -5.16 20.39 12.97
C ARG A 61 -5.05 21.27 11.72
N THR A 62 -5.37 22.55 11.86
CA THR A 62 -5.27 23.51 10.78
C THR A 62 -3.93 24.22 10.75
N ARG A 63 -3.00 23.86 11.62
CA ARG A 63 -1.66 24.42 11.66
C ARG A 63 -0.64 23.29 11.61
N PRO A 64 0.56 23.55 11.09
CA PRO A 64 1.59 22.48 11.02
C PRO A 64 2.29 22.26 12.35
N SER A 65 1.55 21.74 13.31
CA SER A 65 2.07 21.45 14.65
C SER A 65 1.99 19.95 14.90
N SER A 66 3.02 19.41 15.53
CA SER A 66 3.05 17.98 15.82
C SER A 66 2.00 17.63 16.87
N PRO A 67 1.21 16.57 16.66
CA PRO A 67 0.24 16.17 17.69
C PRO A 67 0.94 15.65 18.93
N VAL A 68 0.26 15.79 20.06
CA VAL A 68 0.77 15.32 21.35
C VAL A 68 -0.20 14.27 21.90
N CYS A 69 0.33 13.10 22.21
CA CYS A 69 -0.45 12.02 22.81
C CYS A 69 -0.20 12.01 24.31
N THR A 70 -1.28 12.11 25.08
CA THR A 70 -1.18 12.15 26.54
C THR A 70 -1.54 10.83 27.21
N ARG A 71 -2.43 10.04 26.62
CA ARG A 71 -2.79 8.76 27.19
C ARG A 71 -1.60 7.81 27.17
N PHE A 72 -1.53 6.94 28.18
CA PHE A 72 -0.41 6.05 28.37
C PHE A 72 -0.75 4.64 27.87
N SER A 73 0.19 4.03 27.17
CA SER A 73 0.06 2.66 26.68
C SER A 73 1.08 1.77 27.37
N SER A 74 0.61 0.66 27.95
CA SER A 74 1.50 -0.20 28.71
C SER A 74 2.43 -1.00 27.79
N ASN A 75 1.94 -1.42 26.63
CA ASN A 75 2.75 -2.25 25.75
C ASN A 75 3.98 -1.50 25.26
N GLY A 76 3.82 -0.23 24.89
CA GLY A 76 4.95 0.55 24.42
C GLY A 76 6.01 0.72 25.49
N LEU A 77 5.59 1.03 26.71
CA LEU A 77 6.55 1.21 27.79
C LEU A 77 7.25 -0.11 28.12
N LEU A 78 6.52 -1.22 28.08
CA LEU A 78 7.12 -2.51 28.34
C LEU A 78 8.15 -2.87 27.27
N TRP A 79 7.84 -2.59 25.99
CA TRP A 79 8.80 -2.86 24.93
C TRP A 79 10.02 -1.96 25.04
N ALA A 80 9.82 -0.69 25.42
CA ALA A 80 10.94 0.21 25.64
C ALA A 80 11.84 -0.30 26.76
N LEU A 81 11.24 -0.77 27.86
CA LEU A 81 12.03 -1.35 28.94
C LEU A 81 12.75 -2.60 28.49
N ALA A 82 12.12 -3.40 27.63
CA ALA A 82 12.76 -4.60 27.12
C ALA A 82 14.01 -4.24 26.32
N MET A 83 13.91 -3.25 25.43
CA MET A 83 15.08 -2.88 24.64
C MET A 83 16.15 -2.24 25.52
N LYS A 84 15.74 -1.46 26.53
CA LYS A 84 16.72 -0.92 27.47
C LYS A 84 17.46 -2.02 28.20
N MET A 85 16.74 -3.06 28.63
CA MET A 85 17.38 -4.21 29.26
C MET A 85 18.34 -4.90 28.30
N ALA A 86 17.94 -5.04 27.04
CA ALA A 86 18.80 -5.67 26.05
C ALA A 86 20.11 -4.89 25.90
N VAL A 87 20.00 -3.56 25.77
CA VAL A 87 21.19 -2.73 25.58
C VAL A 87 22.07 -2.78 26.83
N GLU A 88 21.46 -2.70 28.01
CA GLU A 88 22.24 -2.74 29.25
C GLU A 88 22.97 -4.06 29.41
N GLU A 89 22.30 -5.17 29.10
CA GLU A 89 22.96 -6.47 29.22
C GLU A 89 24.06 -6.62 28.17
N ILE A 90 23.84 -6.09 26.97
CA ILE A 90 24.85 -6.17 25.92
C ILE A 90 26.08 -5.38 26.33
N ASN A 91 25.89 -4.18 26.88
CA ASN A 91 27.01 -3.42 27.42
C ASN A 91 27.67 -4.14 28.58
N ASN A 92 26.90 -4.91 29.35
CA ASN A 92 27.48 -5.72 30.42
C ASN A 92 28.38 -6.81 29.86
N LYS A 93 28.07 -7.33 28.68
CA LYS A 93 28.85 -8.40 28.09
C LYS A 93 30.23 -7.91 27.67
N SER A 94 31.21 -8.82 27.77
CA SER A 94 32.58 -8.52 27.35
C SER A 94 32.93 -9.16 26.02
N ASP A 95 32.27 -10.24 25.63
CA ASP A 95 32.55 -10.89 24.36
C ASP A 95 31.95 -10.11 23.19
N LEU A 96 30.79 -9.49 23.39
CA LEU A 96 30.10 -8.76 22.35
C LEU A 96 30.34 -7.28 22.51
N LEU A 97 30.84 -6.63 21.45
CA LEU A 97 31.17 -5.21 21.44
C LEU A 97 32.10 -4.86 22.59
N PRO A 98 33.33 -5.37 22.60
CA PRO A 98 34.23 -5.09 23.73
C PRO A 98 34.77 -3.67 23.68
N GLY A 99 34.78 -3.03 24.84
CA GLY A 99 35.34 -1.70 24.96
C GLY A 99 34.50 -0.58 24.38
N LEU A 100 33.27 -0.87 23.95
CA LEU A 100 32.41 0.13 23.34
C LEU A 100 31.09 0.18 24.07
N ARG A 101 30.56 1.40 24.24
CA ARG A 101 29.27 1.63 24.88
C ARG A 101 28.20 1.78 23.81
N LEU A 102 27.06 1.12 24.03
CA LEU A 102 25.93 1.19 23.11
C LEU A 102 24.85 2.06 23.74
N GLY A 103 24.49 3.14 23.05
CA GLY A 103 23.45 4.03 23.52
C GLY A 103 22.09 3.73 22.88
N TYR A 104 21.11 4.54 23.25
CA TYR A 104 19.78 4.42 22.68
C TYR A 104 19.03 5.72 22.88
N ASP A 105 18.15 6.03 21.93
CA ASP A 105 17.31 7.23 21.95
C ASP A 105 15.88 6.79 21.69
N LEU A 106 15.17 6.39 22.74
CA LEU A 106 13.78 5.94 22.54
C LEU A 106 12.93 7.17 22.22
N PHE A 107 11.86 6.99 21.47
CA PHE A 107 10.97 8.06 21.02
C PHE A 107 9.53 7.56 21.04
N ASP A 108 8.63 8.43 21.51
CA ASP A 108 7.21 8.08 21.60
C ASP A 108 6.55 8.27 20.24
N THR A 109 5.95 7.21 19.73
CA THR A 109 5.15 7.26 18.51
C THR A 109 3.76 6.75 18.82
N CYS A 110 2.74 7.52 18.45
CA CYS A 110 1.37 7.04 18.53
C CYS A 110 1.09 6.16 17.31
N SER A 111 -0.15 5.68 17.20
CA SER A 111 -0.53 4.92 16.02
C SER A 111 -0.50 5.76 14.76
N GLU A 112 -0.56 7.09 14.90
CA GLU A 112 -0.51 7.96 13.73
C GLU A 112 0.90 8.01 13.15
N PRO A 113 1.02 8.25 11.84
CA PRO A 113 2.35 8.39 11.24
C PRO A 113 2.89 9.81 11.35
N VAL A 114 1.99 10.78 11.52
CA VAL A 114 2.42 12.17 11.61
C VAL A 114 3.27 12.40 12.86
N VAL A 115 2.87 11.79 13.98
CA VAL A 115 3.62 11.98 15.21
C VAL A 115 4.99 11.30 15.13
N ALA A 116 5.04 10.13 14.46
CA ALA A 116 6.29 9.37 14.38
C ALA A 116 7.20 9.83 13.25
N MET A 117 6.72 10.70 12.36
CA MET A 117 7.55 11.10 11.23
C MET A 117 8.68 12.03 11.68
N LYS A 118 8.37 12.90 12.64
CA LYS A 118 9.40 13.84 13.16
C LYS A 118 10.56 13.02 13.74
N PRO A 119 10.38 12.08 14.69
CA PRO A 119 11.52 11.37 15.28
C PRO A 119 12.44 10.76 14.24
N SER A 120 11.92 10.30 13.09
CA SER A 120 12.80 9.81 12.04
C SER A 120 13.69 10.91 11.49
N LEU A 121 13.12 12.11 11.31
CA LEU A 121 13.91 13.25 10.86
C LEU A 121 14.99 13.60 11.87
N MET A 122 14.66 13.54 13.16
CA MET A 122 15.68 13.71 14.19
C MET A 122 16.73 12.61 14.11
N PHE A 123 16.32 11.39 13.79
CA PHE A 123 17.25 10.26 13.70
C PHE A 123 18.27 10.49 12.59
N LEU A 124 17.81 10.97 11.44
CA LEU A 124 18.69 11.11 10.29
C LEU A 124 19.38 12.46 10.21
N ALA A 125 19.18 13.34 11.18
CA ALA A 125 19.92 14.59 11.23
C ALA A 125 21.37 14.33 11.65
N LYS A 126 22.25 15.23 11.26
CA LYS A 126 23.66 15.12 11.63
C LYS A 126 23.82 15.27 13.14
N ALA A 127 24.78 14.54 13.69
CA ALA A 127 25.04 14.59 15.12
C ALA A 127 25.46 15.99 15.54
N GLY A 128 24.85 16.49 16.60
CA GLY A 128 25.11 17.84 17.07
C GLY A 128 24.37 18.93 16.34
N SER A 129 23.55 18.58 15.34
CA SER A 129 22.79 19.55 14.57
C SER A 129 21.34 19.10 14.48
N ARG A 130 20.43 20.08 14.40
CA ARG A 130 19.01 19.82 14.28
C ARG A 130 18.48 19.99 12.87
N ASP A 131 19.37 20.08 11.88
CA ASP A 131 18.99 20.26 10.49
C ASP A 131 19.40 19.03 9.69
N ILE A 132 18.50 18.58 8.81
CA ILE A 132 18.77 17.45 7.92
C ILE A 132 18.85 18.01 6.50
N ALA A 133 19.97 17.75 5.83
CA ALA A 133 20.17 18.25 4.49
C ALA A 133 19.40 17.41 3.48
N ALA A 134 19.20 17.97 2.30
CA ALA A 134 18.55 17.29 1.19
C ALA A 134 19.63 16.99 0.15
N TYR A 135 20.32 15.87 0.33
CA TYR A 135 21.40 15.48 -0.55
C TYR A 135 20.87 14.64 -1.72
N CYS A 136 21.76 14.35 -2.67
CA CYS A 136 21.36 13.60 -3.85
C CYS A 136 21.13 12.13 -3.53
N ASN A 137 21.98 11.54 -2.70
CA ASN A 137 21.88 10.13 -2.37
C ASN A 137 22.25 9.93 -0.90
N TYR A 138 22.33 8.67 -0.49
CA TYR A 138 22.58 8.33 0.91
C TYR A 138 24.02 8.52 1.32
N THR A 139 24.97 8.44 0.37
CA THR A 139 26.38 8.40 0.71
C THR A 139 26.86 9.69 1.37
N GLN A 140 26.14 10.79 1.21
CA GLN A 140 26.55 12.07 1.77
C GLN A 140 25.96 12.34 3.15
N TYR A 141 25.22 11.40 3.72
CA TYR A 141 24.57 11.59 5.01
C TYR A 141 25.42 11.01 6.13
N GLN A 142 25.30 11.62 7.31
CA GLN A 142 25.96 11.16 8.53
C GLN A 142 24.91 11.10 9.64
N PRO A 143 24.06 10.08 9.64
CA PRO A 143 23.01 10.00 10.67
C PRO A 143 23.59 9.85 12.06
N ARG A 144 22.87 10.40 13.04
CA ARG A 144 23.31 10.36 14.43
C ARG A 144 22.99 9.04 15.11
N VAL A 145 22.19 8.18 14.51
CA VAL A 145 21.83 6.88 15.07
C VAL A 145 22.35 5.79 14.15
N LEU A 146 23.00 4.78 14.74
CA LEU A 146 23.54 3.69 13.94
C LEU A 146 22.44 2.88 13.27
N ALA A 147 21.35 2.62 14.00
CA ALA A 147 20.22 1.87 13.47
C ALA A 147 18.94 2.39 14.09
N VAL A 148 17.82 1.80 13.71
CA VAL A 148 16.50 2.19 14.21
C VAL A 148 15.72 0.92 14.52
N ILE A 149 15.14 0.86 15.72
CA ILE A 149 14.23 -0.22 16.09
C ILE A 149 12.84 0.23 15.67
N GLY A 150 12.35 -0.31 14.56
CA GLY A 150 11.17 0.18 13.90
C GLY A 150 9.89 0.04 14.71
N PRO A 151 8.82 0.65 14.22
CA PRO A 151 7.57 0.67 14.97
C PRO A 151 6.89 -0.70 14.99
N HIS A 152 6.02 -0.87 15.99
CA HIS A 152 5.25 -2.10 16.10
C HIS A 152 4.11 -2.13 15.08
N SER A 153 3.45 -1.00 14.85
CA SER A 153 2.34 -0.94 13.92
C SER A 153 2.83 -1.21 12.50
N SER A 154 1.99 -1.90 11.71
CA SER A 154 2.41 -2.30 10.37
C SER A 154 2.42 -1.13 9.40
N GLU A 155 1.39 -0.28 9.44
CA GLU A 155 1.34 0.86 8.52
C GLU A 155 2.39 1.90 8.87
N LEU A 156 2.57 2.16 10.17
CA LEU A 156 3.63 3.05 10.60
C LEU A 156 5.00 2.49 10.23
N ALA A 157 5.18 1.16 10.35
CA ALA A 157 6.42 0.54 9.90
C ALA A 157 6.59 0.71 8.40
N MET A 158 5.51 0.64 7.63
CA MET A 158 5.58 0.88 6.20
C MET A 158 6.10 2.28 5.90
N VAL A 159 5.52 3.29 6.55
CA VAL A 159 5.92 4.67 6.31
C VAL A 159 7.37 4.87 6.70
N THR A 160 7.75 4.38 7.89
CA THR A 160 9.11 4.58 8.36
C THR A 160 10.13 3.83 7.50
N GLY A 161 9.79 2.63 7.04
CA GLY A 161 10.69 1.89 6.18
C GLY A 161 10.85 2.55 4.82
N LYS A 162 9.76 3.05 4.25
CA LYS A 162 9.86 3.77 2.99
C LYS A 162 10.72 5.02 3.15
N PHE A 163 10.62 5.69 4.29
CA PHE A 163 11.48 6.84 4.54
C PHE A 163 12.94 6.44 4.70
N PHE A 164 13.20 5.40 5.49
CA PHE A 164 14.58 4.98 5.76
C PHE A 164 15.23 4.31 4.56
N SER A 165 14.44 3.89 3.57
CA SER A 165 15.01 3.23 2.40
C SER A 165 15.95 4.16 1.63
N PHE A 166 15.60 5.44 1.54
CA PHE A 166 16.41 6.38 0.77
C PHE A 166 17.80 6.53 1.36
N PHE A 167 17.91 6.56 2.69
CA PHE A 167 19.19 6.70 3.36
C PHE A 167 19.85 5.36 3.68
N LEU A 168 19.19 4.25 3.37
CA LEU A 168 19.72 2.91 3.65
C LEU A 168 20.06 2.74 5.13
N MET A 169 19.20 3.27 5.99
CA MET A 169 19.38 3.10 7.43
C MET A 169 18.84 1.73 7.84
N PRO A 170 19.66 0.87 8.42
CA PRO A 170 19.17 -0.46 8.80
C PRO A 170 18.17 -0.42 9.94
N GLN A 171 16.91 -0.69 9.64
CA GLN A 171 15.83 -0.64 10.61
C GLN A 171 15.26 -2.05 10.80
N VAL A 172 15.26 -2.52 12.04
CA VAL A 172 14.67 -3.82 12.39
C VAL A 172 13.43 -3.57 13.23
N SER A 173 12.32 -4.21 12.85
CA SER A 173 11.02 -3.94 13.45
C SER A 173 10.49 -5.19 14.14
N TYR A 174 9.72 -4.96 15.21
CA TYR A 174 9.07 -6.01 15.97
C TYR A 174 7.58 -5.91 15.77
N GLY A 175 6.94 -7.04 15.45
CA GLY A 175 5.49 -7.09 15.32
C GLY A 175 4.92 -6.60 14.02
N ALA A 176 5.72 -5.98 13.16
CA ALA A 176 5.27 -5.57 11.83
C ALA A 176 5.42 -6.76 10.89
N SER A 177 4.37 -7.57 10.80
CA SER A 177 4.46 -8.86 10.12
C SER A 177 3.76 -8.91 8.78
N MET A 178 3.40 -7.75 8.24
CA MET A 178 2.83 -7.69 6.87
C MET A 178 3.85 -8.29 5.89
N GLU A 179 3.39 -8.78 4.74
CA GLU A 179 4.33 -9.46 3.79
C GLU A 179 4.95 -8.45 2.84
N LEU A 180 4.24 -7.39 2.49
CA LEU A 180 4.78 -6.47 1.45
C LEU A 180 6.04 -5.73 1.95
N LEU A 181 6.34 -5.80 3.24
CA LEU A 181 7.54 -5.13 3.80
C LEU A 181 8.78 -5.97 3.47
N SER A 182 8.62 -7.15 2.89
CA SER A 182 9.74 -8.00 2.50
C SER A 182 10.23 -7.74 1.09
N ALA A 183 9.54 -6.88 0.33
CA ALA A 183 9.96 -6.56 -1.03
C ALA A 183 11.22 -5.70 -0.98
N ARG A 184 12.35 -6.28 -1.39
CA ARG A 184 13.62 -5.57 -1.35
C ARG A 184 13.69 -4.45 -2.37
N GLU A 185 12.75 -4.38 -3.32
CA GLU A 185 12.77 -3.29 -4.29
C GLU A 185 12.49 -1.95 -3.62
N THR A 186 11.57 -1.93 -2.66
CA THR A 186 11.16 -0.69 -2.01
C THR A 186 11.57 -0.62 -0.53
N PHE A 187 12.04 -1.70 0.05
CA PHE A 187 12.51 -1.71 1.44
C PHE A 187 13.90 -2.36 1.50
N PRO A 188 14.92 -1.69 0.95
CA PRO A 188 16.26 -2.28 0.97
C PRO A 188 16.89 -2.34 2.34
N SER A 189 16.37 -1.62 3.33
CA SER A 189 16.99 -1.53 4.65
C SER A 189 16.00 -1.81 5.77
N PHE A 190 15.00 -2.65 5.50
CA PHE A 190 14.01 -3.02 6.50
C PHE A 190 14.15 -4.49 6.85
N PHE A 191 14.30 -4.78 8.13
CA PHE A 191 14.34 -6.14 8.66
C PHE A 191 13.22 -6.30 9.68
N ARG A 192 13.12 -7.51 10.24
CA ARG A 192 12.11 -7.78 11.24
C ARG A 192 12.55 -9.00 12.05
N THR A 193 11.97 -9.12 13.25
CA THR A 193 12.25 -10.24 14.13
C THR A 193 11.02 -11.12 14.35
N VAL A 194 9.91 -10.79 13.72
CA VAL A 194 8.70 -11.61 13.79
C VAL A 194 8.47 -12.24 12.43
N PRO A 195 7.91 -13.45 12.35
CA PRO A 195 7.62 -14.05 11.04
C PRO A 195 6.54 -13.26 10.31
N SER A 196 6.64 -13.26 8.99
CA SER A 196 5.69 -12.55 8.16
C SER A 196 4.39 -13.32 8.04
N ASP A 197 3.38 -12.65 7.47
CA ASP A 197 2.09 -13.30 7.24
C ASP A 197 2.21 -14.40 6.20
N ARG A 198 3.20 -14.31 5.31
CA ARG A 198 3.36 -15.32 4.28
C ARG A 198 3.66 -16.69 4.88
N VAL A 199 4.41 -16.73 5.97
CA VAL A 199 4.75 -18.02 6.59
C VAL A 199 3.50 -18.72 7.10
N GLN A 200 2.67 -17.99 7.85
CA GLN A 200 1.46 -18.61 8.39
C GLN A 200 0.45 -18.91 7.29
N LEU A 201 0.39 -18.10 6.25
CA LEU A 201 -0.53 -18.39 5.14
C LEU A 201 -0.07 -19.61 4.35
N THR A 202 1.25 -19.76 4.17
CA THR A 202 1.77 -20.97 3.55
C THR A 202 1.49 -22.19 4.40
N ALA A 203 1.62 -22.05 5.73
CA ALA A 203 1.26 -23.14 6.62
C ALA A 203 -0.20 -23.52 6.48
N ALA A 204 -1.08 -22.52 6.40
CA ALA A 204 -2.50 -22.79 6.21
C ALA A 204 -2.77 -23.49 4.88
N ALA A 205 -2.11 -23.04 3.81
CA ALA A 205 -2.29 -23.68 2.51
C ALA A 205 -1.80 -25.12 2.54
N GLU A 206 -0.67 -25.38 3.20
CA GLU A 206 -0.17 -26.74 3.31
C GLU A 206 -1.11 -27.60 4.15
N LEU A 207 -1.73 -27.01 5.18
CA LEU A 207 -2.71 -27.73 5.97
C LEU A 207 -3.92 -28.11 5.14
N LEU A 208 -4.40 -27.18 4.31
CA LEU A 208 -5.53 -27.47 3.43
C LEU A 208 -5.17 -28.55 2.43
N GLN A 209 -3.96 -28.49 1.87
CA GLN A 209 -3.55 -29.47 0.86
C GLN A 209 -3.37 -30.85 1.46
N GLU A 210 -2.72 -30.94 2.62
CA GLU A 210 -2.46 -32.23 3.24
C GLU A 210 -3.74 -32.91 3.66
N PHE A 211 -4.70 -32.15 4.19
CA PHE A 211 -5.97 -32.72 4.65
C PHE A 211 -6.95 -32.95 3.51
N GLY A 212 -6.62 -32.55 2.29
CA GLY A 212 -7.48 -32.79 1.15
C GLY A 212 -8.59 -31.79 0.93
N TRP A 213 -8.61 -30.70 1.69
CA TRP A 213 -9.63 -29.66 1.52
C TRP A 213 -9.19 -28.75 0.38
N ASN A 214 -9.49 -29.14 -0.85
CA ASN A 214 -9.14 -28.36 -2.03
C ASN A 214 -10.30 -27.53 -2.55
N TRP A 215 -11.38 -27.42 -1.77
CA TRP A 215 -12.54 -26.59 -2.13
C TRP A 215 -12.93 -25.84 -0.86
N VAL A 216 -12.35 -24.67 -0.66
CA VAL A 216 -12.51 -23.91 0.57
C VAL A 216 -13.00 -22.51 0.23
N ALA A 217 -13.35 -21.77 1.28
CA ALA A 217 -13.73 -20.37 1.16
C ALA A 217 -12.73 -19.52 1.93
N ALA A 218 -12.38 -18.36 1.39
CA ALA A 218 -11.37 -17.49 1.97
C ALA A 218 -12.00 -16.15 2.34
N LEU A 219 -11.75 -15.70 3.57
CA LEU A 219 -12.28 -14.44 4.08
C LEU A 219 -11.18 -13.68 4.79
N GLY A 220 -11.39 -12.38 4.96
CA GLY A 220 -10.41 -11.54 5.64
C GLY A 220 -11.03 -10.22 6.03
N SER A 221 -10.32 -9.52 6.91
CA SER A 221 -10.79 -8.23 7.39
C SER A 221 -10.77 -7.19 6.26
N ASP A 222 -11.63 -6.19 6.40
CA ASP A 222 -11.66 -5.09 5.44
C ASP A 222 -10.46 -4.16 5.57
N ASP A 223 -9.69 -4.27 6.64
CA ASP A 223 -8.51 -3.44 6.80
C ASP A 223 -7.38 -3.97 5.92
N GLU A 224 -6.20 -3.36 6.06
CA GLU A 224 -5.06 -3.76 5.24
C GLU A 224 -4.64 -5.20 5.55
N TYR A 225 -4.71 -5.59 6.83
CA TYR A 225 -4.26 -6.92 7.23
C TYR A 225 -5.02 -8.02 6.49
N GLY A 226 -6.35 -7.96 6.53
CA GLY A 226 -7.14 -8.98 5.88
C GLY A 226 -7.00 -8.97 4.37
N ARG A 227 -6.95 -7.78 3.77
CA ARG A 227 -6.81 -7.69 2.32
C ARG A 227 -5.48 -8.29 1.86
N GLN A 228 -4.39 -7.97 2.56
CA GLN A 228 -3.09 -8.53 2.20
C GLN A 228 -3.06 -10.04 2.42
N GLY A 229 -3.66 -10.51 3.52
CA GLY A 229 -3.72 -11.94 3.74
C GLY A 229 -4.48 -12.67 2.64
N LEU A 230 -5.61 -12.11 2.22
CA LEU A 230 -6.37 -12.70 1.13
C LEU A 230 -5.57 -12.70 -0.17
N SER A 231 -4.88 -11.59 -0.46
CA SER A 231 -4.10 -11.51 -1.69
C SER A 231 -2.98 -12.55 -1.71
N ILE A 232 -2.32 -12.75 -0.56
CA ILE A 232 -1.27 -13.76 -0.50
C ILE A 232 -1.85 -15.16 -0.62
N PHE A 233 -2.94 -15.43 0.09
CA PHE A 233 -3.49 -16.78 0.11
C PHE A 233 -4.09 -17.18 -1.22
N SER A 234 -4.60 -16.22 -1.99
CA SER A 234 -5.11 -16.56 -3.33
C SER A 234 -3.99 -17.16 -4.19
N ALA A 235 -2.84 -16.50 -4.23
CA ALA A 235 -1.71 -17.01 -5.00
C ALA A 235 -1.20 -18.31 -4.42
N LEU A 236 -1.11 -18.42 -3.09
CA LEU A 236 -0.62 -19.64 -2.48
C LEU A 236 -1.51 -20.83 -2.83
N ALA A 237 -2.82 -20.65 -2.73
CA ALA A 237 -3.75 -21.72 -3.07
C ALA A 237 -3.66 -22.07 -4.55
N ALA A 238 -3.67 -21.05 -5.42
CA ALA A 238 -3.57 -21.31 -6.85
C ALA A 238 -2.31 -22.10 -7.19
N ALA A 239 -1.23 -21.84 -6.47
CA ALA A 239 -0.01 -22.62 -6.68
C ALA A 239 -0.14 -24.04 -6.13
N ARG A 240 -0.84 -24.21 -5.01
CA ARG A 240 -0.90 -25.51 -4.34
C ARG A 240 -2.08 -26.37 -4.75
N GLY A 241 -2.90 -25.93 -5.71
CA GLY A 241 -4.02 -26.74 -6.15
C GLY A 241 -5.35 -26.31 -5.57
N ILE A 242 -5.36 -25.94 -4.30
CA ILE A 242 -6.57 -25.41 -3.68
C ILE A 242 -7.03 -24.16 -4.41
N CYS A 243 -8.34 -23.97 -4.51
CA CYS A 243 -8.82 -22.72 -5.06
C CYS A 243 -10.02 -22.24 -4.27
N ILE A 244 -10.24 -20.94 -4.31
CA ILE A 244 -11.20 -20.26 -3.45
C ILE A 244 -12.58 -20.33 -4.08
N ALA A 245 -13.55 -20.81 -3.31
CA ALA A 245 -14.94 -20.81 -3.78
C ALA A 245 -15.52 -19.40 -3.74
N HIS A 246 -15.25 -18.66 -2.67
CA HIS A 246 -15.73 -17.29 -2.53
C HIS A 246 -14.71 -16.50 -1.74
N GLU A 247 -14.31 -15.35 -2.26
CA GLU A 247 -13.33 -14.47 -1.63
C GLU A 247 -14.02 -13.16 -1.27
N GLY A 248 -14.21 -12.92 0.02
CA GLY A 248 -14.92 -11.74 0.49
C GLY A 248 -14.22 -11.12 1.69
N LEU A 249 -14.72 -9.94 2.07
CA LEU A 249 -14.16 -9.18 3.18
C LEU A 249 -15.26 -8.91 4.21
N VAL A 250 -14.93 -9.07 5.47
CA VAL A 250 -15.85 -8.83 6.58
C VAL A 250 -15.59 -7.44 7.14
N PRO A 251 -16.55 -6.53 7.12
CA PRO A 251 -16.30 -5.16 7.60
C PRO A 251 -16.07 -5.14 9.10
N LEU A 252 -15.26 -4.17 9.54
CA LEU A 252 -15.01 -3.96 10.95
C LEU A 252 -16.22 -3.32 11.62
N PRO A 253 -16.44 -3.61 12.91
CA PRO A 253 -17.58 -3.04 13.64
C PRO A 253 -17.46 -1.53 13.86
N LYS A 262 -23.19 -6.71 3.58
CA LYS A 262 -22.18 -6.63 4.61
C LYS A 262 -21.79 -8.02 5.11
N VAL A 263 -21.67 -8.17 6.43
CA VAL A 263 -21.35 -9.47 7.03
C VAL A 263 -22.45 -10.48 6.73
N GLN A 264 -23.71 -10.04 6.77
CA GLN A 264 -24.82 -10.91 6.38
C GLN A 264 -24.62 -11.45 4.97
N ASP A 265 -24.28 -10.57 4.04
CA ASP A 265 -24.06 -10.98 2.65
C ASP A 265 -22.86 -11.92 2.56
N VAL A 266 -21.81 -11.67 3.33
CA VAL A 266 -20.62 -12.50 3.27
C VAL A 266 -20.94 -13.93 3.70
N LEU A 267 -21.63 -14.10 4.81
CA LEU A 267 -21.90 -15.49 5.25
C LEU A 267 -22.96 -16.10 4.32
N HIS A 268 -23.90 -15.29 3.80
CA HIS A 268 -24.84 -15.86 2.84
C HIS A 268 -24.12 -16.41 1.62
N GLN A 269 -23.14 -15.66 1.11
CA GLN A 269 -22.36 -16.14 -0.04
C GLN A 269 -21.54 -17.37 0.33
N VAL A 270 -21.04 -17.41 1.57
CA VAL A 270 -20.34 -18.60 2.05
C VAL A 270 -21.27 -19.81 2.07
N ASN A 271 -22.52 -19.60 2.49
CA ASN A 271 -23.52 -20.66 2.44
C ASN A 271 -23.82 -21.11 1.01
N GLN A 272 -23.88 -20.16 0.06
CA GLN A 272 -24.37 -20.47 -1.27
C GLN A 272 -23.54 -21.55 -1.96
N SER A 273 -22.27 -21.70 -1.57
CA SER A 273 -21.45 -22.82 -1.99
C SER A 273 -21.35 -23.82 -0.85
N SER A 274 -21.39 -25.11 -1.18
CA SER A 274 -21.32 -26.17 -0.17
C SER A 274 -19.86 -26.41 0.19
N VAL A 275 -19.32 -25.49 0.99
CA VAL A 275 -17.93 -25.51 1.41
C VAL A 275 -17.87 -25.70 2.92
N GLN A 276 -17.11 -26.70 3.37
CA GLN A 276 -17.05 -27.06 4.77
C GLN A 276 -15.78 -26.57 5.46
N VAL A 277 -14.91 -25.83 4.77
CA VAL A 277 -13.69 -25.30 5.34
C VAL A 277 -13.59 -23.82 4.97
N VAL A 278 -13.55 -22.95 5.98
CA VAL A 278 -13.46 -21.52 5.78
C VAL A 278 -12.19 -21.01 6.45
N LEU A 279 -11.39 -20.25 5.70
CA LEU A 279 -10.18 -19.63 6.23
C LEU A 279 -10.48 -18.18 6.58
N LEU A 280 -10.35 -17.84 7.85
CA LEU A 280 -10.66 -16.50 8.34
C LEU A 280 -9.35 -15.82 8.73
N PHE A 281 -8.81 -15.03 7.80
CA PHE A 281 -7.60 -14.23 8.07
C PHE A 281 -8.03 -12.80 8.41
N ALA A 282 -8.53 -12.66 9.64
CA ALA A 282 -9.12 -11.41 10.09
C ALA A 282 -8.55 -11.01 11.44
N SER A 283 -8.66 -9.73 11.75
CA SER A 283 -8.24 -9.21 13.04
C SER A 283 -9.18 -9.68 14.13
N VAL A 284 -8.90 -9.27 15.37
CA VAL A 284 -9.69 -9.71 16.51
C VAL A 284 -11.13 -9.19 16.39
N HIS A 285 -11.28 -7.90 16.06
CA HIS A 285 -12.60 -7.28 16.12
C HIS A 285 -13.49 -7.78 15.00
N ALA A 286 -12.97 -7.86 13.77
CA ALA A 286 -13.78 -8.34 12.66
C ALA A 286 -14.18 -9.79 12.83
N ALA A 287 -13.24 -10.63 13.28
CA ALA A 287 -13.57 -12.04 13.53
C ALA A 287 -14.60 -12.17 14.64
N HIS A 288 -14.46 -11.38 15.70
CA HIS A 288 -15.43 -11.42 16.79
C HIS A 288 -16.81 -10.99 16.32
N ALA A 289 -16.88 -9.95 15.50
CA ALA A 289 -18.16 -9.49 14.97
C ALA A 289 -18.80 -10.56 14.10
N LEU A 290 -18.01 -11.18 13.22
CA LEU A 290 -18.55 -12.26 12.38
C LEU A 290 -19.05 -13.42 13.22
N PHE A 291 -18.28 -13.82 14.23
CA PHE A 291 -18.69 -14.94 15.06
C PHE A 291 -19.93 -14.62 15.88
N ASN A 292 -20.03 -13.39 16.40
CA ASN A 292 -21.23 -13.01 17.12
C ASN A 292 -22.45 -13.01 16.22
N TYR A 293 -22.31 -12.50 14.99
CA TYR A 293 -23.44 -12.52 14.07
C TYR A 293 -23.84 -13.94 13.73
N SER A 294 -22.87 -14.81 13.46
CA SER A 294 -23.19 -16.19 13.11
C SER A 294 -23.79 -16.94 14.30
N ILE A 295 -23.46 -16.49 15.50
CA ILE A 295 -24.08 -17.09 16.72
C ILE A 295 -25.53 -16.63 16.77
N SER A 296 -25.80 -15.35 16.44
CA SER A 296 -27.17 -14.86 16.42
C SER A 296 -27.98 -15.47 15.28
N SER A 297 -27.32 -15.87 14.20
CA SER A 297 -28.00 -16.41 13.03
C SER A 297 -28.01 -17.93 13.00
N ARG A 298 -27.31 -18.59 13.92
CA ARG A 298 -27.26 -20.06 14.01
C ARG A 298 -26.78 -20.67 12.70
N LEU A 299 -25.54 -20.35 12.33
CA LEU A 299 -24.93 -20.89 11.14
C LEU A 299 -24.32 -22.26 11.43
N SER A 300 -24.36 -23.14 10.43
CA SER A 300 -23.97 -24.52 10.61
C SER A 300 -22.47 -24.63 10.93
N PRO A 301 -22.07 -25.66 11.68
CA PRO A 301 -20.65 -25.79 12.04
C PRO A 301 -19.77 -25.97 10.82
N LYS A 302 -18.58 -25.37 10.89
CA LYS A 302 -17.61 -25.42 9.80
C LYS A 302 -16.21 -25.45 10.39
N VAL A 303 -15.25 -25.89 9.58
CA VAL A 303 -13.85 -25.96 9.99
C VAL A 303 -13.23 -24.60 9.69
N TRP A 304 -13.09 -23.78 10.73
CA TRP A 304 -12.50 -22.45 10.59
C TRP A 304 -11.00 -22.52 10.77
N VAL A 305 -10.26 -21.94 9.82
CA VAL A 305 -8.82 -21.83 9.90
C VAL A 305 -8.48 -20.46 10.45
N ALA A 306 -7.74 -20.41 11.55
CA ALA A 306 -7.56 -19.20 12.33
C ALA A 306 -6.19 -18.60 12.09
N SER A 307 -6.15 -17.30 11.83
CA SER A 307 -4.90 -16.57 11.83
C SER A 307 -4.44 -16.33 13.26
N GLU A 308 -3.19 -15.88 13.41
CA GLU A 308 -2.66 -15.59 14.73
C GLU A 308 -3.34 -14.42 15.41
N ALA A 309 -4.14 -13.63 14.68
CA ALA A 309 -4.79 -12.47 15.27
C ALA A 309 -5.85 -12.87 16.28
N TRP A 310 -6.72 -13.81 15.91
CA TRP A 310 -7.83 -14.20 16.77
C TRP A 310 -7.76 -15.64 17.25
N LEU A 311 -6.70 -16.39 16.93
CA LEU A 311 -6.58 -17.74 17.44
C LEU A 311 -6.38 -17.75 18.95
N THR A 312 -5.62 -16.79 19.47
CA THR A 312 -5.32 -16.73 20.90
C THR A 312 -6.10 -15.66 21.65
N SER A 313 -6.92 -14.87 20.97
CA SER A 313 -7.64 -13.79 21.64
C SER A 313 -8.72 -14.35 22.54
N ASP A 314 -8.76 -13.88 23.79
CA ASP A 314 -9.80 -14.29 24.72
C ASP A 314 -11.14 -13.66 24.41
N LEU A 315 -11.18 -12.63 23.56
CA LEU A 315 -12.45 -12.03 23.18
C LEU A 315 -13.31 -13.02 22.39
N VAL A 316 -12.68 -13.81 21.54
CA VAL A 316 -13.43 -14.76 20.71
C VAL A 316 -13.73 -16.06 21.45
N MET A 317 -12.76 -16.59 22.22
CA MET A 317 -13.03 -17.78 23.00
C MET A 317 -14.13 -17.55 24.03
N GLY A 318 -14.11 -16.40 24.69
CA GLY A 318 -15.10 -16.10 25.70
C GLY A 318 -16.48 -15.79 25.17
N LEU A 319 -16.62 -15.74 23.85
CA LEU A 319 -17.95 -15.48 23.24
C LEU A 319 -18.86 -16.66 23.58
N PRO A 320 -20.04 -16.45 24.21
CA PRO A 320 -20.97 -17.56 24.49
C PRO A 320 -21.52 -18.16 23.21
N GLY A 321 -21.70 -19.47 23.23
CA GLY A 321 -22.19 -20.20 22.08
C GLY A 321 -21.15 -20.51 21.03
N MET A 322 -19.88 -20.12 21.24
CA MET A 322 -18.85 -20.35 20.24
C MET A 322 -18.59 -21.84 20.04
N ALA A 323 -18.83 -22.66 21.06
CA ALA A 323 -18.54 -24.09 20.98
C ALA A 323 -19.37 -24.79 19.91
N GLN A 324 -20.45 -24.16 19.43
CA GLN A 324 -21.30 -24.74 18.41
C GLN A 324 -21.01 -24.20 17.02
N MET A 325 -19.74 -23.91 16.71
CA MET A 325 -19.36 -23.39 15.40
C MET A 325 -18.20 -24.17 14.80
N GLY A 326 -18.04 -25.43 15.18
CA GLY A 326 -17.04 -26.27 14.55
C GLY A 326 -15.65 -26.07 15.13
N THR A 327 -14.72 -26.86 14.60
CA THR A 327 -13.33 -26.80 15.05
C THR A 327 -12.66 -25.53 14.53
N VAL A 328 -11.73 -25.03 15.34
CA VAL A 328 -10.91 -23.88 14.98
C VAL A 328 -9.47 -24.35 14.92
N LEU A 329 -8.88 -24.33 13.72
CA LEU A 329 -7.54 -24.86 13.48
C LEU A 329 -6.66 -23.72 12.99
N GLY A 330 -5.70 -23.30 13.82
CA GLY A 330 -4.83 -22.21 13.46
C GLY A 330 -3.37 -22.58 13.69
N PHE A 331 -2.49 -21.69 13.22
CA PHE A 331 -1.06 -21.82 13.40
C PHE A 331 -0.58 -20.72 14.35
N LEU A 332 0.11 -21.13 15.41
CA LEU A 332 0.57 -20.22 16.43
C LEU A 332 2.10 -20.17 16.46
N GLN A 333 2.63 -18.99 16.77
CA GLN A 333 4.08 -18.82 16.82
C GLN A 333 4.69 -19.67 17.92
N ARG A 334 5.83 -20.28 17.61
CA ARG A 334 6.59 -21.08 18.56
C ARG A 334 7.88 -20.31 18.87
N GLY A 335 7.80 -19.40 19.84
CA GLY A 335 8.93 -18.57 20.18
C GLY A 335 9.24 -18.64 21.67
N ALA A 336 10.45 -18.20 22.00
CA ALA A 336 10.91 -18.19 23.39
C ALA A 336 10.35 -16.96 24.10
N GLN A 337 10.77 -16.77 25.35
CA GLN A 337 10.32 -15.63 26.13
C GLN A 337 11.45 -15.19 27.06
N LEU A 338 11.44 -13.91 27.41
CA LEU A 338 12.45 -13.35 28.30
C LEU A 338 12.13 -13.79 29.72
N HIS A 339 12.90 -14.74 30.23
CA HIS A 339 12.64 -15.27 31.57
C HIS A 339 12.84 -14.21 32.65
N GLU A 340 13.88 -13.40 32.51
CA GLU A 340 14.23 -12.42 33.54
C GLU A 340 13.61 -11.05 33.29
N PHE A 341 12.77 -10.90 32.28
CA PHE A 341 12.14 -9.60 32.03
C PHE A 341 11.25 -9.14 33.18
N PRO A 342 10.35 -9.97 33.74
CA PRO A 342 9.54 -9.47 34.87
C PRO A 342 10.37 -9.04 36.07
N GLN A 343 11.42 -9.81 36.40
CA GLN A 343 12.27 -9.43 37.52
C GLN A 343 12.98 -8.11 37.23
N TYR A 344 13.49 -7.95 36.00
CA TYR A 344 14.15 -6.70 35.63
C TYR A 344 13.19 -5.53 35.73
N VAL A 345 11.98 -5.69 35.22
CA VAL A 345 11.04 -4.57 35.19
C VAL A 345 10.59 -4.21 36.60
N LYS A 346 10.37 -5.21 37.46
CA LYS A 346 9.93 -4.90 38.82
C LYS A 346 11.06 -4.24 39.61
N THR A 347 12.29 -4.75 39.49
CA THR A 347 13.38 -4.12 40.22
C THR A 347 13.69 -2.73 39.68
N HIS A 348 13.50 -2.50 38.37
CA HIS A 348 13.78 -1.18 37.83
C HIS A 348 12.69 -0.19 38.22
N LEU A 349 11.43 -0.62 38.25
CA LEU A 349 10.37 0.26 38.72
C LEU A 349 10.54 0.58 40.20
N ALA A 350 10.97 -0.40 41.00
CA ALA A 350 11.25 -0.12 42.40
C ALA A 350 12.42 0.84 42.56
N LEU A 351 13.46 0.68 41.73
CA LEU A 351 14.66 1.50 41.85
C LEU A 351 14.41 2.93 41.37
N ALA A 352 13.54 3.10 40.38
CA ALA A 352 13.30 4.43 39.82
C ALA A 352 12.62 5.37 40.81
N THR A 353 11.96 4.83 41.83
CA THR A 353 11.30 5.68 42.81
C THR A 353 12.30 6.34 43.76
N ASP A 354 13.48 5.75 43.90
CA ASP A 354 14.48 6.28 44.82
C ASP A 354 15.02 7.61 44.30
N PRO A 355 14.93 8.70 45.05
CA PRO A 355 15.40 9.99 44.54
C PRO A 355 16.89 10.07 44.33
N ALA A 356 17.68 9.28 45.08
CA ALA A 356 19.14 9.37 44.96
C ALA A 356 19.61 8.97 43.58
N PHE A 357 19.05 7.88 43.02
CA PHE A 357 19.46 7.43 41.69
C PHE A 357 19.03 8.43 40.63
N CYS A 358 17.84 9.00 40.77
CA CYS A 358 17.38 10.00 39.80
C CYS A 358 18.26 11.24 39.83
N SER A 359 18.64 11.69 41.03
CA SER A 359 19.56 12.83 41.11
C SER A 359 20.94 12.48 40.58
N ALA A 360 21.37 11.23 40.74
CA ALA A 360 22.62 10.78 40.15
C ALA A 360 22.55 10.84 38.63
N LEU A 361 21.41 10.47 38.06
CA LEU A 361 21.20 10.59 36.62
C LEU A 361 21.09 12.05 36.21
N GLN A 375 9.29 16.54 27.47
CA GLN A 375 9.90 15.22 27.61
C GLN A 375 9.33 14.24 26.60
N ARG A 376 10.01 13.12 26.41
CA ARG A 376 9.56 12.13 25.43
C ARG A 376 8.22 11.52 25.81
N CYS A 377 8.04 11.18 27.08
CA CYS A 377 6.82 10.55 27.57
C CYS A 377 6.47 11.15 28.93
N PRO A 378 5.85 12.33 28.95
CA PRO A 378 5.52 12.96 30.23
C PRO A 378 4.61 12.12 31.10
N GLN A 379 3.73 11.31 30.50
CA GLN A 379 2.85 10.43 31.25
C GLN A 379 3.51 9.15 31.71
N CYS A 380 4.78 8.93 31.34
CA CYS A 380 5.51 7.75 31.81
C CYS A 380 6.05 7.92 33.22
N ASP A 381 5.96 9.11 33.80
CA ASP A 381 6.45 9.34 35.16
C ASP A 381 5.39 9.04 36.21
N CYS A 382 4.16 9.49 35.99
CA CYS A 382 3.06 9.24 36.92
C CYS A 382 2.42 7.88 36.59
N ILE A 383 3.10 6.83 37.04
CA ILE A 383 2.68 5.46 36.75
C ILE A 383 3.00 4.58 37.96
N THR A 384 2.16 3.57 38.16
CA THR A 384 2.37 2.54 39.17
C THR A 384 2.67 1.22 38.47
N LEU A 385 3.23 0.28 39.24
CA LEU A 385 3.59 -1.02 38.68
C LEU A 385 2.36 -1.78 38.19
N GLN A 386 1.22 -1.61 38.85
CA GLN A 386 0.01 -2.32 38.46
C GLN A 386 -0.55 -1.85 37.12
N ASN A 387 -0.05 -0.73 36.58
CA ASN A 387 -0.47 -0.30 35.26
C ASN A 387 0.25 -1.03 34.13
N VAL A 388 1.35 -1.74 34.46
CA VAL A 388 2.06 -2.54 33.47
C VAL A 388 2.18 -4.01 33.88
N SER A 389 1.72 -4.38 35.07
CA SER A 389 1.84 -5.75 35.53
C SER A 389 1.04 -6.74 34.68
N ALA A 390 -0.05 -6.30 34.05
CA ALA A 390 -0.90 -7.21 33.30
C ALA A 390 -0.17 -7.77 32.08
N GLY A 391 0.56 -6.93 31.36
CA GLY A 391 1.19 -7.35 30.12
C GLY A 391 2.64 -7.75 30.29
N LEU A 392 3.01 -8.17 31.50
CA LEU A 392 4.41 -8.50 31.77
C LEU A 392 4.89 -9.68 30.92
N ASN A 393 4.05 -10.72 30.80
CA ASN A 393 4.40 -11.90 30.02
C ASN A 393 3.90 -11.70 28.59
N HIS A 394 4.64 -10.88 27.85
CA HIS A 394 4.30 -10.54 26.47
C HIS A 394 5.36 -11.10 25.53
N HIS A 395 4.92 -11.58 24.37
CA HIS A 395 5.85 -12.20 23.42
C HIS A 395 6.73 -11.15 22.74
N GLN A 396 6.18 -9.97 22.46
CA GLN A 396 6.89 -8.96 21.69
C GLN A 396 8.12 -8.44 22.41
N THR A 397 8.22 -8.62 23.72
CA THR A 397 9.42 -8.23 24.44
C THR A 397 10.63 -9.01 23.94
N PHE A 398 10.45 -10.31 23.70
CA PHE A 398 11.54 -11.10 23.14
C PHE A 398 11.88 -10.63 21.73
N SER A 399 10.88 -10.23 20.95
CA SER A 399 11.15 -9.73 19.61
C SER A 399 12.00 -8.47 19.66
N VAL A 400 11.67 -7.54 20.55
CA VAL A 400 12.46 -6.31 20.69
C VAL A 400 13.87 -6.63 21.16
N TYR A 401 13.99 -7.52 22.16
CA TYR A 401 15.29 -7.91 22.69
C TYR A 401 16.16 -8.54 21.61
N ALA A 402 15.58 -9.44 20.81
CA ALA A 402 16.33 -10.08 19.74
C ALA A 402 16.68 -9.12 18.62
N ALA A 403 15.81 -8.14 18.34
CA ALA A 403 16.15 -7.13 17.34
C ALA A 403 17.35 -6.30 17.78
N VAL A 404 17.37 -5.89 19.04
CA VAL A 404 18.52 -5.13 19.55
C VAL A 404 19.77 -5.99 19.50
N TYR A 405 19.66 -7.25 19.90
CA TYR A 405 20.82 -8.15 19.84
C TYR A 405 21.32 -8.33 18.41
N SER A 406 20.40 -8.44 17.46
CA SER A 406 20.80 -8.60 16.06
C SER A 406 21.53 -7.37 15.55
N VAL A 407 21.04 -6.18 15.90
CA VAL A 407 21.72 -4.96 15.47
C VAL A 407 23.11 -4.89 16.09
N ALA A 408 23.22 -5.23 17.38
CA ALA A 408 24.52 -5.21 18.04
C ALA A 408 25.48 -6.22 17.41
N GLN A 409 24.98 -7.41 17.08
CA GLN A 409 25.83 -8.42 16.44
C GLN A 409 26.28 -7.96 15.07
N ALA A 410 25.39 -7.32 14.31
CA ALA A 410 25.78 -6.78 13.01
C ALA A 410 26.86 -5.71 13.16
N LEU A 411 26.71 -4.85 14.16
CA LEU A 411 27.74 -3.84 14.41
C LEU A 411 29.07 -4.49 14.80
N HIS A 412 29.01 -5.53 15.64
CA HIS A 412 30.22 -6.21 16.07
C HIS A 412 30.92 -6.88 14.89
N ASN A 413 30.16 -7.47 13.99
CA ASN A 413 30.76 -8.08 12.80
C ASN A 413 31.33 -7.03 11.86
N THR A 414 30.63 -5.90 11.71
CA THR A 414 31.08 -4.87 10.78
C THR A 414 32.43 -4.29 11.21
N LEU A 415 32.61 -4.03 12.51
CA LEU A 415 33.88 -3.51 12.99
C LEU A 415 34.99 -4.55 12.99
N GLN A 416 34.67 -5.81 12.69
CA GLN A 416 35.66 -6.89 12.69
C GLN A 416 36.34 -7.03 14.05
N CYS A 417 35.54 -6.89 15.11
CA CYS A 417 36.06 -7.02 16.46
C CYS A 417 36.36 -8.48 16.79
N ASN A 418 37.26 -8.69 17.72
CA ASN A 418 37.54 -10.01 18.28
C ASN A 418 37.29 -9.98 19.78
N ALA A 419 37.58 -11.11 20.44
CA ALA A 419 37.20 -11.27 21.84
C ALA A 419 37.88 -10.24 22.73
N SER A 420 39.16 -9.95 22.49
CA SER A 420 39.89 -9.04 23.36
C SER A 420 39.41 -7.60 23.18
N GLY A 421 39.20 -7.17 21.94
CA GLY A 421 38.80 -5.80 21.72
C GLY A 421 38.47 -5.54 20.26
N CYS A 422 38.31 -4.25 19.94
CA CYS A 422 37.92 -3.80 18.62
C CYS A 422 39.03 -2.99 17.98
N PRO A 423 39.31 -3.21 16.70
CA PRO A 423 40.35 -2.42 16.02
C PRO A 423 39.93 -0.97 15.87
N ALA A 424 40.92 -0.09 15.87
CA ALA A 424 40.68 1.34 15.75
C ALA A 424 40.36 1.69 14.29
N GLN A 425 39.28 2.44 14.09
CA GLN A 425 38.87 2.88 12.77
C GLN A 425 37.92 4.05 12.91
N ASP A 426 37.56 4.64 11.77
CA ASP A 426 36.58 5.71 11.76
C ASP A 426 35.19 5.15 12.07
N PRO A 427 34.26 5.99 12.53
CA PRO A 427 32.91 5.49 12.82
C PRO A 427 32.27 4.87 11.59
N VAL A 428 31.54 3.79 11.81
CA VAL A 428 30.90 3.05 10.72
C VAL A 428 29.58 3.73 10.38
N LYS A 429 29.38 4.03 9.10
CA LYS A 429 28.13 4.61 8.66
C LYS A 429 27.01 3.58 8.76
N PRO A 430 25.76 4.04 8.91
CA PRO A 430 24.65 3.07 9.01
C PRO A 430 24.51 2.16 7.80
N TRP A 431 24.76 2.68 6.60
CA TRP A 431 24.60 1.86 5.41
C TRP A 431 25.63 0.74 5.31
N GLN A 432 26.79 0.90 5.94
CA GLN A 432 27.78 -0.17 5.96
C GLN A 432 27.28 -1.40 6.71
N LEU A 433 26.29 -1.23 7.59
CA LEU A 433 25.76 -2.36 8.33
C LEU A 433 25.00 -3.34 7.45
N LEU A 434 24.46 -2.88 6.32
CA LEU A 434 23.59 -3.72 5.51
C LEU A 434 24.31 -4.92 4.94
N GLU A 435 25.59 -4.77 4.59
CA GLU A 435 26.34 -5.90 4.01
C GLU A 435 26.46 -7.04 5.00
N ASN A 436 26.75 -6.73 6.27
CA ASN A 436 26.91 -7.73 7.31
C ASN A 436 25.61 -8.06 8.02
N MET A 437 24.50 -7.42 7.65
CA MET A 437 23.22 -7.66 8.31
C MET A 437 22.41 -8.72 7.58
N TYR A 438 22.45 -8.72 6.25
CA TYR A 438 21.88 -9.83 5.50
C TYR A 438 22.68 -11.10 5.72
N ASN A 439 21.99 -12.23 5.74
CA ASN A 439 22.61 -13.55 5.91
C ASN A 439 23.45 -13.58 7.18
N LEU A 440 22.89 -13.04 8.26
CA LEU A 440 23.58 -12.91 9.54
C LEU A 440 22.97 -13.87 10.54
N THR A 441 23.82 -14.61 11.25
CA THR A 441 23.40 -15.52 12.30
C THR A 441 23.80 -14.92 13.65
N PHE A 442 22.80 -14.57 14.45
CA PHE A 442 23.01 -13.96 15.76
C PHE A 442 22.31 -14.81 16.82
N HIS A 443 22.94 -14.93 17.98
CA HIS A 443 22.43 -15.74 19.07
C HIS A 443 21.68 -14.86 20.06
N VAL A 444 20.46 -15.25 20.39
CA VAL A 444 19.60 -14.51 21.30
C VAL A 444 19.15 -15.47 22.40
N GLY A 445 19.76 -15.34 23.58
CA GLY A 445 19.41 -16.19 24.70
C GLY A 445 19.67 -17.66 24.47
N GLY A 446 20.74 -18.00 23.76
CA GLY A 446 21.10 -19.38 23.52
C GLY A 446 20.45 -20.02 22.33
N LEU A 447 19.53 -19.34 21.64
CA LEU A 447 18.88 -19.87 20.46
C LEU A 447 19.32 -19.11 19.23
N PRO A 448 19.99 -19.76 18.28
CA PRO A 448 20.44 -19.05 17.07
C PRO A 448 19.27 -18.55 16.24
N LEU A 449 19.49 -17.41 15.59
CA LEU A 449 18.51 -16.81 14.69
C LEU A 449 19.25 -16.32 13.45
N ARG A 450 18.53 -16.22 12.34
CA ARG A 450 19.14 -15.83 11.09
C ARG A 450 18.21 -14.88 10.33
N PHE A 451 18.81 -13.98 9.57
CA PHE A 451 18.08 -13.07 8.69
C PHE A 451 18.13 -13.62 7.27
N ASP A 452 16.96 -13.80 6.67
CA ASP A 452 16.88 -14.30 5.31
C ASP A 452 17.45 -13.27 4.33
N SER A 453 17.63 -13.69 3.09
CA SER A 453 18.04 -12.77 2.05
C SER A 453 16.99 -11.69 1.81
N SER A 454 15.74 -11.96 2.15
CA SER A 454 14.66 -10.99 2.04
C SER A 454 14.40 -10.24 3.34
N GLY A 455 15.20 -10.48 4.37
CA GLY A 455 15.12 -9.70 5.58
C GLY A 455 14.07 -10.12 6.59
N ASN A 456 13.78 -11.42 6.70
CA ASN A 456 12.86 -11.91 7.70
C ASN A 456 13.52 -13.02 8.52
N VAL A 457 13.20 -13.07 9.80
CA VAL A 457 13.71 -14.15 10.64
C VAL A 457 12.96 -15.44 10.35
N ASP A 458 13.60 -16.57 10.66
CA ASP A 458 13.05 -17.89 10.39
C ASP A 458 12.79 -18.57 11.73
N MET A 459 11.54 -18.97 11.96
CA MET A 459 11.18 -19.68 13.17
C MET A 459 9.97 -20.57 12.90
N GLU A 460 9.75 -21.53 13.79
CA GLU A 460 8.76 -22.57 13.58
C GLU A 460 7.38 -22.11 14.02
N TYR A 461 6.40 -22.97 13.75
CA TYR A 461 5.00 -22.74 14.10
C TYR A 461 4.43 -24.02 14.68
N ASP A 462 3.38 -23.87 15.49
CA ASP A 462 2.69 -24.99 16.10
C ASP A 462 1.23 -24.97 15.68
N LEU A 463 0.76 -26.07 15.12
CA LEU A 463 -0.64 -26.18 14.70
C LEU A 463 -1.50 -26.51 15.91
N LYS A 464 -2.38 -25.58 16.28
CA LYS A 464 -3.21 -25.72 17.46
C LYS A 464 -4.68 -25.72 17.07
N LEU A 465 -5.46 -26.48 17.85
CA LEU A 465 -6.93 -26.59 17.64
C LEU A 465 -7.62 -26.35 18.99
N TRP A 466 -8.80 -25.75 18.98
CA TRP A 466 -9.55 -25.46 20.21
C TRP A 466 -10.23 -26.73 20.69
N VAL A 467 -9.75 -27.26 21.82
CA VAL A 467 -10.36 -28.43 22.45
C VAL A 467 -11.29 -27.94 23.54
N TRP A 468 -12.55 -28.36 23.47
CA TRP A 468 -13.60 -27.85 24.35
C TRP A 468 -13.82 -28.81 25.50
N GLN A 469 -13.87 -28.24 26.72
CA GLN A 469 -14.13 -29.05 27.95
C GLN A 469 -14.76 -28.10 28.98
N GLY A 470 -16.07 -28.24 29.24
CA GLY A 470 -16.75 -27.34 30.15
C GLY A 470 -16.82 -25.90 29.66
N SER A 471 -17.01 -25.72 28.36
CA SER A 471 -17.11 -24.40 27.72
C SER A 471 -15.89 -23.53 27.97
N VAL A 472 -14.73 -24.14 28.20
CA VAL A 472 -13.48 -23.42 28.38
C VAL A 472 -12.50 -23.93 27.35
N PRO A 473 -12.35 -23.23 26.20
CA PRO A 473 -11.48 -23.70 25.08
C PRO A 473 -10.02 -23.73 25.50
N ARG A 474 -9.34 -24.83 25.19
CA ARG A 474 -7.90 -24.92 25.50
C ARG A 474 -7.16 -25.20 24.19
N LEU A 475 -6.03 -24.51 23.95
CA LEU A 475 -5.25 -24.76 22.72
C LEU A 475 -4.46 -26.07 22.90
N HIS A 476 -4.44 -26.92 21.88
CA HIS A 476 -3.78 -28.21 21.94
C HIS A 476 -2.88 -28.39 20.72
N ASP A 477 -1.68 -28.91 20.93
CA ASP A 477 -0.72 -29.10 19.86
C ASP A 477 -1.02 -30.38 19.10
N VAL A 478 -1.23 -30.27 17.79
CA VAL A 478 -1.46 -31.42 16.94
C VAL A 478 -0.53 -31.46 15.73
N GLY A 479 0.27 -30.41 15.51
CA GLY A 479 1.13 -30.38 14.35
C GLY A 479 2.24 -29.38 14.56
N ARG A 480 3.18 -29.37 13.62
CA ARG A 480 4.34 -28.50 13.70
C ARG A 480 4.75 -28.11 12.28
N PHE A 481 4.79 -26.80 12.01
CA PHE A 481 5.18 -26.28 10.71
C PHE A 481 6.59 -25.70 10.82
N ASN A 482 7.49 -26.20 9.97
CA ASN A 482 8.88 -25.72 9.94
C ASN A 482 9.33 -25.57 8.50
N GLY A 483 8.40 -25.16 7.63
CA GLY A 483 8.61 -25.18 6.20
C GLY A 483 8.06 -26.40 5.50
N SER A 484 7.81 -27.47 6.26
CA SER A 484 7.16 -28.68 5.75
C SER A 484 6.25 -29.19 6.86
N LEU A 485 4.94 -29.06 6.66
CA LEU A 485 4.00 -29.30 7.74
C LEU A 485 3.91 -30.79 8.06
N ARG A 486 3.95 -31.11 9.35
CA ARG A 486 3.75 -32.47 9.85
C ARG A 486 2.61 -32.44 10.85
N THR A 487 1.61 -33.30 10.63
CA THR A 487 0.41 -33.31 11.45
C THR A 487 0.15 -34.71 11.99
N GLU A 488 -0.53 -34.76 13.13
CA GLU A 488 -0.97 -36.01 13.75
C GLU A 488 -2.49 -35.97 13.77
N ARG A 489 -3.10 -36.41 12.67
CA ARG A 489 -4.55 -36.36 12.53
C ARG A 489 -5.27 -37.41 13.36
N LEU A 490 -4.56 -38.41 13.88
CA LEU A 490 -5.20 -39.44 14.70
C LEU A 490 -5.60 -38.91 16.07
N LYS A 491 -5.17 -37.71 16.45
CA LYS A 491 -5.52 -37.12 17.73
C LYS A 491 -6.53 -35.99 17.63
N ILE A 492 -6.65 -35.35 16.46
CA ILE A 492 -7.55 -34.22 16.32
C ILE A 492 -8.99 -34.66 16.59
N ARG A 493 -9.69 -33.89 17.42
CA ARG A 493 -11.09 -34.15 17.75
C ARG A 493 -11.95 -33.23 16.89
N TRP A 494 -12.68 -33.81 15.95
CA TRP A 494 -13.49 -33.03 15.03
C TRP A 494 -14.87 -32.75 15.60
N HIS A 495 -15.60 -31.85 14.93
CA HIS A 495 -16.90 -31.37 15.45
C HIS A 495 -18.09 -32.13 14.87
N THR A 496 -17.84 -33.04 13.94
CA THR A 496 -18.95 -33.74 13.30
C THR A 496 -19.64 -34.67 14.31
N SER A 497 -20.65 -35.39 13.83
CA SER A 497 -21.40 -36.29 14.71
C SER A 497 -20.50 -37.36 15.30
N ASP A 498 -19.62 -37.93 14.49
CA ASP A 498 -18.59 -38.85 14.94
C ASP A 498 -17.22 -38.19 14.71
N ASN A 499 -16.16 -38.92 15.02
CA ASN A 499 -14.80 -38.41 14.86
C ASN A 499 -14.29 -38.74 13.45
N GLN A 500 -14.90 -38.08 12.47
CA GLN A 500 -14.52 -38.22 11.07
C GLN A 500 -14.16 -36.85 10.51
N LYS A 501 -13.15 -36.82 9.65
CA LYS A 501 -12.70 -35.56 9.08
C LYS A 501 -13.77 -34.97 8.17
N PRO A 502 -14.15 -33.71 8.35
CA PRO A 502 -15.11 -33.09 7.43
C PRO A 502 -14.55 -33.05 6.01
N VAL A 503 -15.44 -33.23 5.04
CA VAL A 503 -15.07 -33.34 3.63
C VAL A 503 -15.46 -32.05 2.93
N SER A 504 -14.50 -31.40 2.26
CA SER A 504 -14.81 -30.18 1.46
C SER A 504 -13.98 -30.20 0.18
N ARG A 505 -14.24 -31.14 -0.74
CA ARG A 505 -13.40 -31.27 -1.95
C ARG A 505 -14.23 -31.03 -3.22
N CYS A 506 -13.59 -30.48 -4.27
CA CYS A 506 -14.28 -30.23 -5.56
C CYS A 506 -13.62 -31.09 -6.63
N SER A 507 -14.29 -31.30 -7.77
CA SER A 507 -13.75 -32.19 -8.83
C SER A 507 -13.14 -31.34 -9.95
N ARG A 508 -11.83 -31.47 -10.16
CA ARG A 508 -11.17 -30.63 -11.19
C ARG A 508 -11.22 -31.36 -12.53
N GLN A 509 -11.83 -32.54 -12.57
CA GLN A 509 -11.91 -33.35 -13.81
C GLN A 509 -13.26 -34.08 -13.86
N CYS A 510 -13.78 -34.35 -15.06
CA CYS A 510 -15.04 -35.07 -15.19
C CYS A 510 -14.87 -36.28 -16.10
N VAL A 515 -20.66 -31.75 -20.16
CA VAL A 515 -21.23 -32.16 -18.89
C VAL A 515 -20.59 -31.33 -17.76
N ARG A 516 -19.36 -30.88 -18.00
CA ARG A 516 -18.62 -30.11 -16.97
C ARG A 516 -19.11 -28.68 -16.94
N ARG A 517 -19.37 -28.17 -15.72
CA ARG A 517 -19.78 -26.75 -15.54
C ARG A 517 -18.72 -26.11 -14.65
N VAL A 518 -17.95 -25.17 -15.20
CA VAL A 518 -16.88 -24.55 -14.44
C VAL A 518 -17.47 -23.76 -13.27
N LYS A 519 -16.90 -23.96 -12.10
CA LYS A 519 -17.36 -23.31 -10.88
C LYS A 519 -16.16 -22.88 -10.05
N GLY A 520 -16.38 -21.88 -9.19
CA GLY A 520 -15.33 -21.36 -8.35
C GLY A 520 -15.02 -19.91 -8.65
N PHE A 521 -14.41 -19.23 -7.69
CA PHE A 521 -14.06 -17.82 -7.89
C PHE A 521 -12.94 -17.65 -8.90
N HIS A 522 -12.17 -18.71 -9.17
CA HIS A 522 -11.06 -18.65 -10.12
C HIS A 522 -11.25 -19.57 -11.32
N SER A 523 -12.46 -20.06 -11.57
CA SER A 523 -12.78 -20.99 -12.67
C SER A 523 -11.94 -22.24 -12.61
N CYS A 524 -11.75 -22.84 -11.43
CA CYS A 524 -10.84 -23.96 -11.29
C CYS A 524 -11.57 -25.30 -11.39
N CYS A 525 -12.54 -25.52 -10.52
CA CYS A 525 -13.18 -26.82 -10.38
C CYS A 525 -14.25 -27.00 -11.46
N TYR A 526 -14.88 -28.18 -11.45
CA TYR A 526 -15.95 -28.50 -12.38
C TYR A 526 -17.04 -29.24 -11.63
N ASP A 527 -18.29 -28.97 -12.00
CA ASP A 527 -19.44 -29.64 -11.39
C ASP A 527 -19.91 -30.74 -12.33
N CYS A 528 -19.28 -31.91 -12.17
CA CYS A 528 -19.58 -33.06 -13.03
C CYS A 528 -21.03 -33.50 -12.89
N SER B 34 17.32 25.27 -18.27
CA SER B 34 16.55 24.08 -18.66
C SER B 34 15.06 24.30 -18.45
N ASP B 35 14.26 23.29 -18.82
CA ASP B 35 12.82 23.36 -18.68
C ASP B 35 12.33 22.77 -17.36
N PHE B 36 13.23 22.33 -16.49
CA PHE B 36 12.87 21.81 -15.18
C PHE B 36 12.88 22.89 -14.10
N TYR B 37 13.23 24.13 -14.45
CA TYR B 37 13.39 25.17 -13.45
C TYR B 37 13.06 26.51 -14.08
N LEU B 38 12.21 27.29 -13.42
CA LEU B 38 11.91 28.66 -13.82
C LEU B 38 11.93 29.52 -12.56
N PRO B 39 12.84 30.49 -12.46
CA PRO B 39 12.87 31.34 -11.26
C PRO B 39 11.60 32.17 -11.12
N GLY B 40 11.20 32.40 -9.88
CA GLY B 40 10.00 33.18 -9.62
C GLY B 40 9.92 33.56 -8.16
N ASP B 41 8.96 34.45 -7.87
CA ASP B 41 8.75 34.90 -6.51
C ASP B 41 8.30 33.76 -5.61
N TYR B 42 7.38 32.92 -6.09
CA TYR B 42 6.89 31.77 -5.35
C TYR B 42 7.04 30.53 -6.24
N LEU B 43 7.79 29.54 -5.75
CA LEU B 43 8.06 28.35 -6.53
C LEU B 43 6.86 27.41 -6.51
N LEU B 44 6.93 26.38 -7.36
CA LEU B 44 5.81 25.45 -7.52
C LEU B 44 6.40 24.07 -7.83
N GLY B 45 6.53 23.24 -6.81
CA GLY B 45 7.12 21.93 -7.01
C GLY B 45 6.25 21.06 -7.89
N GLY B 46 6.90 20.09 -8.54
CA GLY B 46 6.19 19.18 -9.42
C GLY B 46 6.80 17.79 -9.42
N LEU B 47 5.97 16.76 -9.41
CA LEU B 47 6.40 15.37 -9.39
C LEU B 47 5.78 14.65 -10.56
N PHE B 48 6.60 14.32 -11.56
CA PHE B 48 6.12 13.70 -12.79
C PHE B 48 6.91 12.43 -13.07
N SER B 49 6.21 11.39 -13.54
CA SER B 49 6.83 10.11 -13.86
C SER B 49 7.38 10.21 -15.28
N LEU B 50 8.63 10.63 -15.38
CA LEU B 50 9.27 10.80 -16.69
C LEU B 50 9.86 9.51 -17.23
N HIS B 51 9.96 8.47 -16.42
CA HIS B 51 10.56 7.22 -16.85
C HIS B 51 9.84 6.05 -16.18
N ALA B 52 10.00 4.87 -16.77
CA ALA B 52 9.39 3.66 -16.25
C ALA B 52 10.37 2.50 -16.36
N ASN B 53 10.15 1.49 -15.52
CA ASN B 53 11.03 0.32 -15.48
C ASN B 53 10.66 -0.61 -16.63
N MET B 54 11.34 -0.44 -17.76
CA MET B 54 11.15 -1.28 -18.93
C MET B 54 12.05 -2.51 -18.93
N LYS B 55 12.94 -2.65 -17.95
CA LYS B 55 13.95 -3.70 -17.95
C LYS B 55 14.73 -3.74 -19.27
N ASN B 61 22.34 -5.18 -6.65
CA ASN B 61 23.09 -4.51 -5.59
C ASN B 61 22.39 -3.23 -5.15
N PHE B 62 22.05 -3.16 -3.87
CA PHE B 62 21.36 -2.01 -3.32
C PHE B 62 22.29 -0.88 -2.90
N LEU B 63 23.61 -1.11 -2.93
CA LEU B 63 24.56 -0.07 -2.55
C LEU B 63 24.46 1.13 -3.48
N GLN B 64 24.51 0.89 -4.79
CA GLN B 64 24.34 1.95 -5.76
C GLN B 64 22.86 2.12 -6.08
N VAL B 65 22.42 3.36 -6.16
CA VAL B 65 21.02 3.71 -6.39
C VAL B 65 20.82 3.94 -7.88
N PRO B 66 19.93 3.20 -8.54
CA PRO B 66 19.68 3.43 -9.97
C PRO B 66 18.90 4.72 -10.17
N MET B 67 19.52 5.69 -10.83
CA MET B 67 18.85 6.94 -11.12
C MET B 67 17.75 6.74 -12.15
N CYS B 68 16.75 7.62 -12.11
CA CYS B 68 15.65 7.55 -13.07
C CYS B 68 16.07 7.95 -14.47
N LYS B 69 17.28 8.50 -14.64
CA LYS B 69 17.72 8.95 -15.95
C LYS B 69 17.91 7.77 -16.90
N GLU B 70 18.44 6.65 -16.42
CA GLU B 70 18.79 5.54 -17.29
C GLU B 70 17.59 4.69 -17.70
N TYR B 71 16.44 4.88 -17.06
CA TYR B 71 15.24 4.15 -17.47
C TYR B 71 14.72 4.71 -18.79
N GLU B 72 13.87 3.91 -19.45
CA GLU B 72 13.29 4.32 -20.72
C GLU B 72 12.31 5.47 -20.52
N VAL B 73 12.21 6.33 -21.53
CA VAL B 73 11.44 7.56 -21.43
C VAL B 73 9.96 7.24 -21.53
N LYS B 74 9.17 7.81 -20.61
CA LYS B 74 7.72 7.75 -20.67
C LYS B 74 7.20 9.04 -21.28
N VAL B 75 6.47 8.90 -22.41
CA VAL B 75 6.00 10.08 -23.12
C VAL B 75 4.87 10.78 -22.37
N ILE B 76 4.03 10.02 -21.67
CA ILE B 76 2.87 10.62 -20.99
C ILE B 76 3.33 11.56 -19.89
N GLY B 77 4.34 11.15 -19.11
CA GLY B 77 4.86 12.02 -18.08
C GLY B 77 5.44 13.31 -18.63
N TYR B 78 6.15 13.22 -19.75
CA TYR B 78 6.69 14.43 -20.37
C TYR B 78 5.58 15.32 -20.89
N ASN B 79 4.51 14.72 -21.42
CA ASN B 79 3.37 15.52 -21.87
C ASN B 79 2.72 16.25 -20.70
N LEU B 80 2.57 15.58 -19.56
CA LEU B 80 2.00 16.23 -18.38
C LEU B 80 2.91 17.33 -17.87
N MET B 81 4.22 17.11 -17.88
CA MET B 81 5.16 18.15 -17.48
C MET B 81 5.05 19.36 -18.40
N GLN B 82 4.94 19.11 -19.71
CA GLN B 82 4.74 20.21 -20.66
C GLN B 82 3.43 20.93 -20.39
N ALA B 83 2.39 20.19 -19.99
CA ALA B 83 1.11 20.82 -19.65
C ALA B 83 1.26 21.76 -18.46
N MET B 84 1.98 21.31 -17.42
CA MET B 84 2.16 22.17 -16.25
C MET B 84 3.00 23.40 -16.61
N ARG B 85 4.05 23.21 -17.42
CA ARG B 85 4.87 24.35 -17.84
C ARG B 85 4.05 25.34 -18.66
N PHE B 86 3.20 24.83 -19.55
CA PHE B 86 2.35 25.71 -20.34
C PHE B 86 1.37 26.47 -19.46
N ALA B 87 0.81 25.79 -18.46
CA ALA B 87 -0.10 26.46 -17.54
C ALA B 87 0.61 27.58 -16.79
N VAL B 88 1.82 27.33 -16.31
CA VAL B 88 2.57 28.36 -15.59
C VAL B 88 2.90 29.52 -16.50
N GLU B 89 3.34 29.24 -17.73
CA GLU B 89 3.66 30.31 -18.67
C GLU B 89 2.43 31.12 -19.02
N GLU B 90 1.28 30.46 -19.19
CA GLU B 90 0.04 31.18 -19.47
C GLU B 90 -0.36 32.06 -18.30
N ILE B 91 -0.21 31.57 -17.07
CA ILE B 91 -0.50 32.38 -15.90
C ILE B 91 0.41 33.60 -15.85
N ASN B 92 1.70 33.40 -16.12
CA ASN B 92 2.63 34.53 -16.12
C ASN B 92 2.33 35.52 -17.24
N ASN B 93 1.80 35.05 -18.36
CA ASN B 93 1.44 35.95 -19.46
C ASN B 93 0.35 36.92 -19.05
N ASP B 94 -0.68 36.41 -18.38
CA ASP B 94 -1.86 37.22 -18.08
C ASP B 94 -1.56 38.25 -17.01
N SER B 95 -2.01 39.48 -17.25
CA SER B 95 -1.90 40.57 -16.28
C SER B 95 -3.11 40.66 -15.36
N SER B 96 -4.09 39.78 -15.52
CA SER B 96 -5.25 39.75 -14.65
C SER B 96 -5.15 38.69 -13.56
N LEU B 97 -4.32 37.68 -13.75
CA LEU B 97 -4.09 36.65 -12.75
C LEU B 97 -2.66 36.75 -12.24
N LEU B 98 -2.52 36.88 -10.91
CA LEU B 98 -1.23 37.06 -10.26
C LEU B 98 -0.42 38.18 -10.94
N PRO B 99 -0.92 39.41 -10.94
CA PRO B 99 -0.23 40.48 -11.66
C PRO B 99 0.92 41.06 -10.86
N GLY B 100 2.06 41.22 -11.54
CA GLY B 100 3.25 41.74 -10.91
C GLY B 100 4.04 40.73 -10.11
N VAL B 101 3.59 39.49 -10.03
CA VAL B 101 4.29 38.43 -9.31
C VAL B 101 4.52 37.29 -10.28
N LEU B 102 5.79 36.87 -10.40
CA LEU B 102 6.16 35.80 -11.32
C LEU B 102 6.03 34.46 -10.60
N LEU B 103 5.20 33.58 -11.16
CA LEU B 103 4.99 32.25 -10.60
C LEU B 103 6.04 31.30 -11.19
N GLY B 104 7.01 30.91 -10.36
CA GLY B 104 8.02 29.96 -10.79
C GLY B 104 7.66 28.54 -10.41
N TYR B 105 8.43 27.60 -10.94
CA TYR B 105 8.20 26.20 -10.63
C TYR B 105 9.54 25.46 -10.63
N GLU B 106 9.58 24.36 -9.89
CA GLU B 106 10.76 23.50 -9.78
C GLU B 106 10.30 22.07 -10.03
N ILE B 107 10.28 21.66 -11.29
CA ILE B 107 9.85 20.33 -11.66
C ILE B 107 11.00 19.34 -11.46
N VAL B 108 10.72 18.25 -10.76
CA VAL B 108 11.68 17.18 -10.56
C VAL B 108 11.05 15.87 -11.01
N ASP B 109 11.90 14.91 -11.34
CA ASP B 109 11.46 13.65 -11.93
C ASP B 109 11.30 12.60 -10.83
N VAL B 110 10.05 12.23 -10.56
CA VAL B 110 9.77 11.17 -9.54
C VAL B 110 9.63 9.84 -10.29
N CYS B 111 10.24 8.77 -9.78
CA CYS B 111 10.05 7.45 -10.44
C CYS B 111 8.73 6.84 -9.96
N TYR B 112 8.16 5.90 -10.74
CA TYR B 112 6.88 5.24 -10.38
C TYR B 112 6.89 4.96 -8.88
N ILE B 113 7.85 4.16 -8.41
CA ILE B 113 8.01 3.87 -6.99
C ILE B 113 9.43 4.15 -6.51
N SER B 114 10.40 4.12 -7.41
CA SER B 114 11.82 4.07 -7.05
C SER B 114 12.25 5.23 -6.16
N ASN B 115 12.19 6.46 -6.68
CA ASN B 115 12.68 7.64 -5.97
C ASN B 115 11.49 8.56 -5.72
N ASN B 116 11.09 8.68 -4.45
CA ASN B 116 10.01 9.59 -4.07
C ASN B 116 10.26 10.28 -2.74
N VAL B 117 11.40 9.98 -2.07
CA VAL B 117 11.82 10.64 -0.80
C VAL B 117 12.68 11.88 -1.13
N GLN B 118 13.79 11.68 -1.85
CA GLN B 118 14.68 12.82 -2.14
C GLN B 118 13.84 14.00 -2.63
N PRO B 119 12.99 13.88 -3.67
CA PRO B 119 12.24 15.05 -4.21
C PRO B 119 11.62 15.84 -3.08
N VAL B 120 10.81 15.21 -2.23
CA VAL B 120 10.09 15.92 -1.19
C VAL B 120 11.07 16.59 -0.23
N LEU B 121 12.22 15.94 0.03
CA LEU B 121 13.23 16.56 0.87
C LEU B 121 13.79 17.81 0.22
N TYR B 122 14.00 17.76 -1.10
CA TYR B 122 14.48 18.94 -1.82
C TYR B 122 13.45 20.04 -1.82
N PHE B 123 12.16 19.68 -1.95
CA PHE B 123 11.11 20.69 -1.92
C PHE B 123 11.02 21.37 -0.56
N LEU B 124 11.12 20.60 0.52
CA LEU B 124 10.91 21.15 1.85
C LEU B 124 12.12 21.91 2.39
N ALA B 125 13.32 21.69 1.82
CA ALA B 125 14.51 22.34 2.33
C ALA B 125 14.52 23.82 1.96
N HIS B 126 15.44 24.56 2.57
CA HIS B 126 15.61 25.98 2.29
C HIS B 126 16.48 26.15 1.04
N GLU B 127 16.89 27.39 0.78
CA GLU B 127 17.76 27.67 -0.35
C GLU B 127 19.17 27.11 -0.16
N ASP B 128 19.53 26.75 1.07
CA ASP B 128 20.83 26.16 1.37
C ASP B 128 20.77 24.65 1.50
N ASN B 129 19.68 24.03 1.03
CA ASN B 129 19.50 22.57 1.08
C ASN B 129 19.59 22.05 2.51
N LEU B 130 19.03 22.81 3.46
CA LEU B 130 18.96 22.41 4.86
C LEU B 130 17.52 22.48 5.32
N LEU B 131 17.06 21.41 5.96
CA LEU B 131 15.70 21.34 6.49
C LEU B 131 15.73 21.32 8.01
N PRO B 132 15.42 22.43 8.67
CA PRO B 132 15.42 22.43 10.13
C PRO B 132 14.27 21.60 10.69
N ILE B 133 14.47 21.08 11.89
CA ILE B 133 13.48 20.27 12.59
C ILE B 133 13.05 21.02 13.84
N GLN B 134 11.75 21.22 13.99
CA GLN B 134 11.21 21.94 15.12
C GLN B 134 9.85 21.38 15.47
N GLU B 135 9.41 21.65 16.70
CA GLU B 135 8.10 21.20 17.13
C GLU B 135 6.98 21.85 16.34
N ASP B 136 7.12 23.14 16.04
CA ASP B 136 6.12 23.90 15.30
C ASP B 136 6.69 24.36 13.97
N TYR B 137 5.85 24.32 12.93
CA TYR B 137 6.25 24.72 11.59
C TYR B 137 5.42 25.90 11.07
N SER B 138 4.74 26.62 11.96
CA SER B 138 3.85 27.69 11.52
C SER B 138 4.60 28.81 10.83
N ASN B 139 5.74 29.22 11.38
CA ASN B 139 6.53 30.30 10.81
C ASN B 139 7.53 29.80 9.77
N TYR B 140 7.58 28.50 9.51
CA TYR B 140 8.53 27.95 8.57
C TYR B 140 8.07 28.19 7.14
N ILE B 141 8.99 28.65 6.29
CA ILE B 141 8.74 28.82 4.86
C ILE B 141 9.64 27.86 4.10
N SER B 142 9.06 27.10 3.19
CA SER B 142 9.80 26.11 2.43
C SER B 142 10.19 26.67 1.07
N ARG B 143 10.94 25.87 0.31
CA ARG B 143 11.38 26.30 -1.03
C ARG B 143 10.19 26.46 -1.96
N VAL B 144 9.24 25.54 -1.91
CA VAL B 144 8.06 25.59 -2.76
C VAL B 144 6.83 25.84 -1.89
N VAL B 145 5.84 26.50 -2.48
CA VAL B 145 4.61 26.80 -1.76
C VAL B 145 3.53 25.76 -2.01
N ALA B 146 3.63 24.99 -3.09
CA ALA B 146 2.67 23.93 -3.39
C ALA B 146 3.33 22.98 -4.38
N VAL B 147 2.97 21.70 -4.27
CA VAL B 147 3.56 20.65 -5.08
C VAL B 147 2.44 19.97 -5.87
N ILE B 148 2.60 19.94 -7.20
CA ILE B 148 1.68 19.18 -8.04
C ILE B 148 2.06 17.71 -7.92
N GLY B 149 1.20 16.93 -7.26
CA GLY B 149 1.57 15.62 -6.80
C GLY B 149 1.82 14.65 -7.93
N PRO B 150 2.35 13.48 -7.57
CA PRO B 150 2.67 12.47 -8.59
C PRO B 150 1.42 11.88 -9.21
N ASP B 151 1.65 11.01 -10.20
CA ASP B 151 0.58 10.35 -10.93
C ASP B 151 0.32 8.93 -10.45
N ASN B 152 0.92 8.53 -9.33
CA ASN B 152 0.78 7.18 -8.80
C ASN B 152 0.16 7.28 -7.40
N SER B 153 -0.79 6.38 -7.12
CA SER B 153 -1.47 6.40 -5.82
C SER B 153 -0.49 6.16 -4.68
N GLU B 154 0.43 5.21 -4.85
CA GLU B 154 1.36 4.90 -3.77
C GLU B 154 2.35 6.03 -3.53
N SER B 155 2.88 6.63 -4.60
CA SER B 155 3.79 7.75 -4.43
C SER B 155 3.06 8.95 -3.83
N VAL B 156 1.80 9.16 -4.22
CA VAL B 156 1.01 10.23 -3.62
C VAL B 156 0.82 9.97 -2.13
N MET B 157 0.55 8.72 -1.76
CA MET B 157 0.41 8.38 -0.34
C MET B 157 1.69 8.67 0.43
N THR B 158 2.83 8.26 -0.11
CA THR B 158 4.11 8.49 0.56
C THR B 158 4.40 9.98 0.69
N VAL B 159 4.20 10.73 -0.39
CA VAL B 159 4.49 12.16 -0.38
C VAL B 159 3.56 12.88 0.59
N ALA B 160 2.28 12.50 0.63
CA ALA B 160 1.34 13.14 1.55
C ALA B 160 1.67 12.79 3.00
N ASN B 161 2.09 11.55 3.26
CA ASN B 161 2.53 11.19 4.61
C ASN B 161 3.74 12.01 5.02
N PHE B 162 4.67 12.24 4.11
CA PHE B 162 5.80 13.12 4.40
C PHE B 162 5.37 14.55 4.65
N LEU B 163 4.43 15.06 3.85
CA LEU B 163 4.07 16.48 3.86
C LEU B 163 3.01 16.82 4.91
N SER B 164 2.40 15.83 5.56
CA SER B 164 1.41 16.13 6.59
C SER B 164 2.00 16.94 7.72
N LEU B 165 3.32 16.81 7.96
CA LEU B 165 3.96 17.60 9.01
C LEU B 165 3.93 19.08 8.69
N PHE B 166 4.26 19.44 7.45
CA PHE B 166 4.34 20.84 7.06
C PHE B 166 3.04 21.39 6.47
N LEU B 167 2.05 20.52 6.25
CA LEU B 167 0.79 20.91 5.61
C LEU B 167 1.04 21.61 4.28
N LEU B 168 1.97 21.07 3.50
CA LEU B 168 2.26 21.61 2.18
C LEU B 168 1.12 21.28 1.23
N PRO B 169 0.51 22.26 0.56
CA PRO B 169 -0.56 21.95 -0.39
C PRO B 169 -0.06 21.04 -1.50
N GLN B 170 -0.91 20.10 -1.89
CA GLN B 170 -0.53 19.10 -2.89
C GLN B 170 -1.77 18.65 -3.63
N ILE B 171 -1.86 18.98 -4.91
CA ILE B 171 -2.96 18.54 -5.76
C ILE B 171 -2.42 17.48 -6.71
N THR B 172 -2.93 16.26 -6.58
CA THR B 172 -2.52 15.15 -7.42
C THR B 172 -3.44 15.01 -8.63
N TYR B 173 -2.90 14.49 -9.72
CA TYR B 173 -3.65 14.21 -10.92
C TYR B 173 -3.55 12.71 -11.23
N SER B 174 -4.59 12.20 -11.89
CA SER B 174 -4.65 10.81 -12.35
C SER B 174 -4.43 9.80 -11.23
N ALA B 175 -4.67 10.21 -9.98
CA ALA B 175 -4.63 9.30 -8.84
C ALA B 175 -6.05 9.01 -8.42
N ILE B 176 -6.39 7.72 -8.30
CA ILE B 176 -7.77 7.30 -8.11
C ILE B 176 -7.98 6.46 -6.87
N SER B 177 -6.94 6.26 -6.05
CA SER B 177 -7.11 5.46 -4.85
C SER B 177 -8.14 6.08 -3.91
N ASP B 178 -9.06 5.25 -3.41
CA ASP B 178 -10.14 5.78 -2.54
C ASP B 178 -9.56 6.26 -1.21
N GLU B 179 -8.41 5.71 -0.78
CA GLU B 179 -7.87 6.07 0.52
C GLU B 179 -7.52 7.55 0.62
N LEU B 180 -7.39 8.24 -0.51
CA LEU B 180 -7.01 9.66 -0.50
C LEU B 180 -8.19 10.60 -0.31
N ARG B 181 -9.41 10.08 -0.21
CA ARG B 181 -10.57 10.97 -0.06
C ARG B 181 -10.67 11.49 1.36
N ASP B 182 -10.35 10.68 2.36
CA ASP B 182 -10.48 11.11 3.74
C ASP B 182 -9.36 12.10 4.09
N LYS B 183 -9.69 13.09 4.90
CA LYS B 183 -8.76 14.16 5.24
C LYS B 183 -8.19 14.03 6.64
N VAL B 184 -8.49 12.94 7.34
CA VAL B 184 -7.90 12.74 8.67
C VAL B 184 -6.42 12.43 8.56
N ARG B 185 -6.05 11.57 7.61
CA ARG B 185 -4.65 11.18 7.42
C ARG B 185 -3.98 11.88 6.25
N PHE B 186 -4.73 12.61 5.42
CA PHE B 186 -4.18 13.36 4.31
C PHE B 186 -4.72 14.79 4.35
N PRO B 187 -4.37 15.56 5.39
CA PRO B 187 -4.96 16.91 5.52
C PRO B 187 -4.61 17.83 4.38
N ALA B 188 -3.43 17.68 3.78
CA ALA B 188 -2.94 18.61 2.77
C ALA B 188 -2.98 18.04 1.36
N LEU B 189 -3.85 17.07 1.10
CA LEU B 189 -3.96 16.44 -0.21
C LEU B 189 -5.26 16.85 -0.88
N LEU B 190 -5.17 17.24 -2.14
CA LEU B 190 -6.32 17.55 -2.97
C LEU B 190 -6.27 16.66 -4.22
N ARG B 191 -7.18 16.93 -5.16
CA ARG B 191 -7.24 16.13 -6.38
C ARG B 191 -7.96 16.92 -7.45
N THR B 192 -7.75 16.52 -8.71
CA THR B 192 -8.40 17.15 -9.83
C THR B 192 -9.15 16.13 -10.70
N THR B 193 -9.20 14.87 -10.26
CA THR B 193 -9.93 13.82 -10.94
C THR B 193 -10.81 13.09 -9.95
N PRO B 194 -11.94 12.54 -10.40
CA PRO B 194 -12.79 11.75 -9.49
C PRO B 194 -12.09 10.49 -9.03
N SER B 195 -12.48 10.02 -7.85
CA SER B 195 -11.88 8.84 -7.25
C SER B 195 -12.30 7.58 -8.01
N ALA B 196 -11.83 6.44 -7.52
CA ALA B 196 -12.15 5.17 -8.17
C ALA B 196 -13.64 4.83 -8.08
N ASP B 197 -14.35 5.41 -7.12
CA ASP B 197 -15.78 5.14 -7.01
C ASP B 197 -16.51 5.56 -8.28
N HIS B 198 -16.15 6.72 -8.83
CA HIS B 198 -16.82 7.19 -10.04
C HIS B 198 -16.42 6.35 -11.25
N HIS B 199 -15.17 5.90 -11.32
CA HIS B 199 -14.77 5.03 -12.42
C HIS B 199 -15.56 3.73 -12.39
N ILE B 200 -15.67 3.11 -11.21
CA ILE B 200 -16.41 1.86 -11.08
C ILE B 200 -17.89 2.09 -11.36
N GLU B 201 -18.43 3.23 -10.92
CA GLU B 201 -19.83 3.53 -11.21
C GLU B 201 -20.07 3.68 -12.70
N ALA B 202 -19.16 4.35 -13.40
CA ALA B 202 -19.29 4.48 -14.85
C ALA B 202 -19.21 3.12 -15.53
N MET B 203 -18.30 2.27 -15.07
CA MET B 203 -18.20 0.92 -15.64
C MET B 203 -19.50 0.14 -15.44
N VAL B 204 -20.07 0.22 -14.23
CA VAL B 204 -21.29 -0.53 -13.95
C VAL B 204 -22.46 0.04 -14.73
N GLN B 205 -22.52 1.36 -14.89
CA GLN B 205 -23.59 1.97 -15.68
C GLN B 205 -23.49 1.56 -17.14
N LEU B 206 -22.26 1.52 -17.68
CA LEU B 206 -22.08 1.06 -19.05
C LEU B 206 -22.49 -0.40 -19.20
N MET B 207 -22.15 -1.24 -18.21
CA MET B 207 -22.58 -2.64 -18.26
C MET B 207 -24.09 -2.76 -18.22
N LEU B 208 -24.75 -1.95 -17.39
CA LEU B 208 -26.20 -2.03 -17.27
C LEU B 208 -26.90 -1.52 -18.54
N HIS B 209 -26.33 -0.50 -19.19
CA HIS B 209 -26.97 0.06 -20.37
C HIS B 209 -27.04 -0.97 -21.50
N PHE B 210 -25.97 -1.72 -21.71
CA PHE B 210 -25.92 -2.72 -22.76
C PHE B 210 -26.31 -4.11 -22.26
N ARG B 211 -26.73 -4.23 -21.01
CA ARG B 211 -27.29 -5.46 -20.46
C ARG B 211 -26.29 -6.62 -20.49
N TRP B 212 -25.18 -6.42 -19.78
CA TRP B 212 -24.19 -7.47 -19.55
C TRP B 212 -24.20 -7.84 -18.08
N ASN B 213 -24.61 -9.07 -17.78
CA ASN B 213 -24.63 -9.57 -16.41
C ASN B 213 -23.73 -10.78 -16.24
N TRP B 214 -22.69 -10.88 -17.05
CA TRP B 214 -21.74 -11.99 -16.98
C TRP B 214 -20.42 -11.48 -17.52
N ILE B 215 -19.51 -11.11 -16.61
CA ILE B 215 -18.24 -10.47 -16.98
C ILE B 215 -17.10 -11.21 -16.30
N ILE B 216 -15.90 -10.92 -16.77
CA ILE B 216 -14.66 -11.47 -16.20
C ILE B 216 -13.77 -10.30 -15.81
N VAL B 217 -13.20 -10.35 -14.61
CA VAL B 217 -12.36 -9.28 -14.09
C VAL B 217 -10.94 -9.81 -13.97
N LEU B 218 -9.99 -9.08 -14.55
CA LEU B 218 -8.58 -9.41 -14.47
C LEU B 218 -7.85 -8.26 -13.77
N VAL B 219 -7.10 -8.59 -12.72
CA VAL B 219 -6.40 -7.60 -11.91
C VAL B 219 -4.91 -7.86 -11.98
N SER B 220 -4.13 -6.90 -11.49
CA SER B 220 -2.69 -7.04 -11.41
C SER B 220 -2.26 -7.40 -9.99
N SER B 221 -1.00 -7.80 -9.86
CA SER B 221 -0.50 -8.23 -8.56
C SER B 221 -0.28 -7.07 -7.61
N ASP B 222 -0.21 -5.84 -8.12
CA ASP B 222 0.04 -4.69 -7.27
C ASP B 222 -1.24 -4.24 -6.56
N THR B 223 -1.06 -3.32 -5.60
CA THR B 223 -2.16 -2.94 -4.72
C THR B 223 -3.27 -2.22 -5.49
N TYR B 224 -2.91 -1.43 -6.50
CA TYR B 224 -3.91 -0.72 -7.29
C TYR B 224 -4.90 -1.68 -7.93
N GLY B 225 -4.39 -2.72 -8.59
CA GLY B 225 -5.26 -3.66 -9.26
C GLY B 225 -6.16 -4.42 -8.28
N ARG B 226 -5.60 -4.87 -7.17
CA ARG B 226 -6.39 -5.59 -6.18
C ARG B 226 -7.48 -4.70 -5.59
N ASP B 227 -7.14 -3.46 -5.25
CA ASP B 227 -8.12 -2.55 -4.68
C ASP B 227 -9.23 -2.24 -5.68
N ASN B 228 -8.86 -1.97 -6.93
CA ASN B 228 -9.88 -1.66 -7.94
C ASN B 228 -10.78 -2.86 -8.19
N GLY B 229 -10.20 -4.06 -8.26
CA GLY B 229 -11.02 -5.25 -8.47
C GLY B 229 -11.98 -5.50 -7.32
N GLN B 230 -11.50 -5.27 -6.09
CA GLN B 230 -12.35 -5.49 -4.89
C GLN B 230 -13.49 -4.46 -4.92
N LEU B 231 -13.16 -3.22 -5.26
CA LEU B 231 -14.18 -2.18 -5.31
C LEU B 231 -15.22 -2.49 -6.37
N LEU B 232 -14.79 -2.95 -7.55
CA LEU B 232 -15.74 -3.31 -8.60
C LEU B 232 -16.61 -4.48 -8.18
N GLY B 233 -16.02 -5.48 -7.52
CA GLY B 233 -16.82 -6.61 -7.04
C GLY B 233 -17.86 -6.18 -6.03
N GLU B 234 -17.48 -5.33 -5.07
CA GLU B 234 -18.43 -4.85 -4.08
C GLU B 234 -19.54 -4.04 -4.74
N ARG B 235 -19.19 -3.18 -5.69
CA ARG B 235 -20.19 -2.36 -6.36
C ARG B 235 -21.13 -3.20 -7.21
N VAL B 236 -20.61 -4.23 -7.87
CA VAL B 236 -21.40 -4.99 -8.82
C VAL B 236 -22.18 -6.13 -8.18
N ALA B 237 -21.84 -6.53 -6.96
CA ALA B 237 -22.59 -7.58 -6.28
C ALA B 237 -24.01 -7.15 -5.94
N ARG B 238 -24.29 -5.85 -5.90
CA ARG B 238 -25.60 -5.34 -5.51
C ARG B 238 -26.38 -4.75 -6.68
N ARG B 239 -25.88 -4.89 -7.91
CA ARG B 239 -26.56 -4.37 -9.09
C ARG B 239 -26.95 -5.47 -10.06
N ASP B 240 -27.08 -6.69 -9.56
CA ASP B 240 -27.57 -7.84 -10.34
C ASP B 240 -26.68 -8.13 -11.54
N ILE B 241 -25.36 -7.99 -11.36
CA ILE B 241 -24.38 -8.41 -12.36
C ILE B 241 -23.40 -9.34 -11.67
N CYS B 242 -23.21 -10.52 -12.24
CA CYS B 242 -22.39 -11.57 -11.63
C CYS B 242 -21.07 -11.72 -12.37
N ILE B 243 -20.00 -11.87 -11.59
CA ILE B 243 -18.65 -12.06 -12.12
C ILE B 243 -18.42 -13.55 -12.32
N ALA B 244 -18.06 -13.94 -13.54
CA ALA B 244 -17.78 -15.34 -13.81
C ALA B 244 -16.59 -15.84 -13.01
N PHE B 245 -15.47 -15.13 -13.09
CA PHE B 245 -14.28 -15.45 -12.29
C PHE B 245 -13.34 -14.26 -12.33
N GLN B 246 -12.37 -14.27 -11.44
CA GLN B 246 -11.37 -13.21 -11.34
C GLN B 246 -9.99 -13.85 -11.29
N GLU B 247 -9.06 -13.31 -12.07
CA GLU B 247 -7.70 -13.83 -12.12
C GLU B 247 -6.70 -12.69 -12.08
N THR B 248 -5.50 -12.98 -11.59
CA THR B 248 -4.45 -11.99 -11.44
C THR B 248 -3.37 -12.20 -12.48
N LEU B 249 -3.06 -11.16 -13.24
CA LEU B 249 -1.95 -11.20 -14.18
C LEU B 249 -0.63 -11.04 -13.43
N PRO B 250 0.37 -11.85 -13.74
CA PRO B 250 1.66 -11.72 -13.05
C PRO B 250 2.34 -10.41 -13.39
N THR B 251 3.14 -9.93 -12.43
CA THR B 251 3.91 -8.71 -12.66
C THR B 251 4.87 -8.91 -13.82
N LEU B 252 4.71 -8.07 -14.86
CA LEU B 252 5.39 -8.34 -16.13
C LEU B 252 5.74 -6.99 -16.79
N GLN B 253 6.95 -6.53 -16.54
CA GLN B 253 7.47 -5.41 -17.30
C GLN B 253 7.83 -5.88 -18.71
N PRO B 254 7.49 -5.11 -19.73
CA PRO B 254 7.79 -5.54 -21.11
C PRO B 254 9.28 -5.47 -21.42
N ASN B 255 9.65 -5.80 -22.66
CA ASN B 255 11.03 -5.71 -23.12
C ASN B 255 11.98 -6.50 -22.23
N GLN B 256 11.52 -7.66 -21.77
CA GLN B 256 12.32 -8.50 -20.88
C GLN B 256 11.99 -9.96 -21.14
N ASN B 257 12.89 -10.84 -20.72
CA ASN B 257 12.72 -12.27 -20.87
C ASN B 257 11.87 -12.79 -19.70
N MET B 258 10.82 -13.53 -20.03
CA MET B 258 9.88 -14.05 -19.04
C MET B 258 10.02 -15.56 -18.90
N THR B 259 10.07 -16.03 -17.66
CA THR B 259 10.30 -17.44 -17.38
C THR B 259 9.10 -18.28 -17.79
N SER B 260 9.31 -19.60 -17.82
CA SER B 260 8.25 -20.52 -18.22
C SER B 260 7.11 -20.59 -17.21
N GLU B 261 7.38 -20.28 -15.93
CA GLU B 261 6.31 -20.29 -14.94
C GLU B 261 5.25 -19.26 -15.26
N GLU B 262 5.67 -18.03 -15.57
CA GLU B 262 4.71 -16.99 -15.92
C GLU B 262 4.11 -17.21 -17.31
N ARG B 263 4.84 -17.87 -18.21
CA ARG B 263 4.24 -18.31 -19.46
C ARG B 263 3.07 -19.26 -19.19
N GLN B 264 3.27 -20.22 -18.28
CA GLN B 264 2.21 -21.14 -17.92
C GLN B 264 1.05 -20.42 -17.26
N ARG B 265 1.35 -19.46 -16.38
CA ARG B 265 0.30 -18.69 -15.76
C ARG B 265 -0.52 -17.94 -16.81
N LEU B 266 0.14 -17.33 -17.79
CA LEU B 266 -0.56 -16.57 -18.81
C LEU B 266 -1.42 -17.48 -19.69
N VAL B 267 -0.89 -18.63 -20.09
CA VAL B 267 -1.70 -19.52 -20.95
C VAL B 267 -2.88 -20.07 -20.16
N THR B 268 -2.68 -20.36 -18.87
CA THR B 268 -3.80 -20.80 -18.04
C THR B 268 -4.88 -19.72 -17.95
N ILE B 269 -4.46 -18.46 -17.75
CA ILE B 269 -5.43 -17.37 -17.66
C ILE B 269 -6.20 -17.22 -18.96
N VAL B 270 -5.49 -17.26 -20.09
CA VAL B 270 -6.16 -17.08 -21.38
C VAL B 270 -7.05 -18.27 -21.70
N ASP B 271 -6.64 -19.49 -21.33
CA ASP B 271 -7.49 -20.65 -21.54
C ASP B 271 -8.76 -20.56 -20.71
N LYS B 272 -8.66 -20.11 -19.47
CA LYS B 272 -9.84 -19.89 -18.66
C LYS B 272 -10.72 -18.80 -19.26
N LEU B 273 -10.09 -17.77 -19.84
CA LEU B 273 -10.85 -16.72 -20.52
C LEU B 273 -11.64 -17.29 -21.68
N GLN B 274 -11.00 -18.13 -22.50
CA GLN B 274 -11.66 -18.64 -23.70
C GLN B 274 -12.71 -19.70 -23.36
N GLN B 275 -12.49 -20.46 -22.29
CA GLN B 275 -13.45 -21.49 -21.91
C GLN B 275 -14.77 -20.88 -21.42
N SER B 276 -14.69 -19.79 -20.66
CA SER B 276 -15.89 -19.20 -20.09
C SER B 276 -16.76 -18.57 -21.16
N THR B 277 -18.06 -18.50 -20.88
CA THR B 277 -19.03 -17.94 -21.82
C THR B 277 -19.16 -16.43 -21.70
N ALA B 278 -18.54 -15.82 -20.70
CA ALA B 278 -18.57 -14.36 -20.60
C ALA B 278 -17.70 -13.73 -21.67
N ARG B 279 -18.24 -12.71 -22.34
CA ARG B 279 -17.55 -12.03 -23.42
C ARG B 279 -17.35 -10.55 -23.12
N VAL B 280 -17.31 -10.19 -21.84
CA VAL B 280 -17.01 -8.83 -21.40
C VAL B 280 -15.92 -8.94 -20.34
N VAL B 281 -14.72 -8.46 -20.66
CA VAL B 281 -13.57 -8.56 -19.79
C VAL B 281 -13.17 -7.16 -19.33
N VAL B 282 -13.09 -6.98 -18.01
CA VAL B 282 -12.66 -5.71 -17.41
C VAL B 282 -11.28 -5.93 -16.82
N VAL B 283 -10.33 -5.10 -17.22
CA VAL B 283 -8.93 -5.27 -16.84
C VAL B 283 -8.51 -4.10 -15.96
N PHE B 284 -8.01 -4.41 -14.77
CA PHE B 284 -7.48 -3.43 -13.82
C PHE B 284 -6.01 -3.74 -13.65
N SER B 285 -5.17 -3.16 -14.51
CA SER B 285 -3.74 -3.43 -14.48
C SER B 285 -3.02 -2.24 -15.06
N PRO B 286 -1.81 -1.94 -14.60
CA PRO B 286 -1.01 -0.89 -15.23
C PRO B 286 -0.71 -1.24 -16.67
N ASP B 287 -0.55 -0.20 -17.49
CA ASP B 287 -0.32 -0.39 -18.92
C ASP B 287 0.98 -1.13 -19.21
N LEU B 288 1.88 -1.23 -18.23
CA LEU B 288 3.15 -1.91 -18.45
C LEU B 288 2.96 -3.42 -18.51
N THR B 289 2.09 -3.97 -17.66
CA THR B 289 1.96 -5.41 -17.55
C THR B 289 1.27 -6.01 -18.78
N LEU B 290 0.31 -5.30 -19.36
CA LEU B 290 -0.61 -5.89 -20.32
C LEU B 290 0.03 -6.29 -21.64
N TYR B 291 1.26 -5.89 -21.92
CA TYR B 291 1.89 -6.25 -23.20
C TYR B 291 2.00 -7.75 -23.36
N HIS B 292 2.57 -8.43 -22.36
CA HIS B 292 2.73 -9.88 -22.46
C HIS B 292 1.39 -10.60 -22.50
N PHE B 293 0.43 -10.13 -21.69
CA PHE B 293 -0.89 -10.75 -21.69
C PHE B 293 -1.58 -10.61 -23.04
N PHE B 294 -1.49 -9.43 -23.66
CA PHE B 294 -2.14 -9.22 -24.94
C PHE B 294 -1.43 -10.01 -26.04
N ASN B 295 -0.10 -10.09 -25.98
CA ASN B 295 0.62 -10.94 -26.92
C ASN B 295 0.19 -12.40 -26.77
N GLU B 296 0.02 -12.86 -25.54
CA GLU B 296 -0.38 -14.25 -25.30
C GLU B 296 -1.78 -14.51 -25.83
N VAL B 297 -2.73 -13.61 -25.58
CA VAL B 297 -4.10 -13.85 -26.05
C VAL B 297 -4.16 -13.74 -27.57
N LEU B 298 -3.38 -12.84 -28.16
CA LEU B 298 -3.30 -12.77 -29.62
C LEU B 298 -2.74 -14.07 -30.18
N ARG B 299 -1.72 -14.64 -29.55
CA ARG B 299 -1.17 -15.91 -29.99
C ARG B 299 -2.19 -17.02 -29.87
N GLN B 300 -2.96 -17.03 -28.78
CA GLN B 300 -3.97 -18.06 -28.57
C GLN B 300 -5.16 -17.93 -29.52
N ASN B 301 -5.26 -16.81 -30.26
CA ASN B 301 -6.29 -16.60 -31.26
C ASN B 301 -7.69 -16.60 -30.62
N PHE B 302 -7.84 -15.88 -29.50
CA PHE B 302 -9.12 -15.73 -28.85
C PHE B 302 -9.73 -14.40 -29.27
N THR B 303 -10.92 -14.45 -29.86
CA THR B 303 -11.56 -13.26 -30.41
C THR B 303 -13.02 -13.21 -29.98
N GLY B 304 -13.56 -11.99 -29.97
CA GLY B 304 -14.97 -11.79 -29.67
C GLY B 304 -15.26 -11.41 -28.24
N ALA B 305 -14.49 -10.48 -27.69
CA ALA B 305 -14.69 -10.02 -26.32
C ALA B 305 -14.66 -8.50 -26.28
N VAL B 306 -15.45 -7.94 -25.37
CA VAL B 306 -15.52 -6.50 -25.17
C VAL B 306 -14.63 -6.17 -23.99
N TRP B 307 -13.44 -5.63 -24.27
CA TRP B 307 -12.50 -5.29 -23.22
C TRP B 307 -12.78 -3.89 -22.68
N ILE B 308 -12.94 -3.80 -21.37
CA ILE B 308 -13.16 -2.53 -20.68
C ILE B 308 -11.89 -2.18 -19.93
N ALA B 309 -11.34 -1.01 -20.22
CA ALA B 309 -10.05 -0.59 -19.68
C ALA B 309 -10.25 0.37 -18.51
N SER B 310 -9.38 0.23 -17.52
CA SER B 310 -9.36 1.16 -16.41
C SER B 310 -8.68 2.47 -16.85
N GLU B 311 -8.61 3.43 -15.93
CA GLU B 311 -8.01 4.71 -16.24
C GLU B 311 -6.53 4.59 -16.57
N SER B 312 -5.86 3.53 -16.08
CA SER B 312 -4.42 3.42 -16.24
C SER B 312 -4.02 3.25 -17.70
N TRP B 313 -4.72 2.39 -18.44
CA TRP B 313 -4.33 2.08 -19.81
C TRP B 313 -5.43 2.40 -20.83
N ALA B 314 -6.38 3.26 -20.47
CA ALA B 314 -7.42 3.64 -21.42
C ALA B 314 -6.89 4.61 -22.47
N ILE B 315 -5.96 5.49 -22.10
CA ILE B 315 -5.44 6.51 -23.00
C ILE B 315 -3.95 6.27 -23.19
N ASP B 316 -3.54 5.00 -23.17
CA ASP B 316 -2.15 4.69 -23.46
C ASP B 316 -1.94 4.74 -24.97
N PRO B 317 -1.13 5.67 -25.47
CA PRO B 317 -0.86 5.71 -26.91
C PRO B 317 0.16 4.66 -27.32
N VAL B 318 1.11 4.39 -26.43
CA VAL B 318 2.14 3.40 -26.71
C VAL B 318 1.56 1.99 -26.70
N LEU B 319 0.37 1.80 -26.12
CA LEU B 319 -0.31 0.52 -26.22
C LEU B 319 -1.30 0.51 -27.37
N HIS B 320 -1.98 1.64 -27.61
CA HIS B 320 -2.90 1.74 -28.73
C HIS B 320 -2.20 1.64 -30.07
N ASN B 321 -0.91 1.96 -30.13
CA ASN B 321 -0.16 1.93 -31.37
C ASN B 321 0.10 0.51 -31.87
N LEU B 322 -0.21 -0.51 -31.07
CA LEU B 322 0.03 -1.89 -31.49
C LEU B 322 -0.70 -2.20 -32.80
N THR B 323 -1.98 -1.83 -32.87
CA THR B 323 -2.81 -1.96 -34.07
C THR B 323 -3.08 -3.43 -34.41
N GLU B 324 -2.49 -4.35 -33.65
CA GLU B 324 -2.76 -5.77 -33.81
C GLU B 324 -3.86 -6.26 -32.89
N LEU B 325 -4.36 -5.41 -32.00
CA LEU B 325 -5.46 -5.75 -31.11
C LEU B 325 -6.82 -5.51 -31.76
N ARG B 326 -6.84 -5.03 -33.00
CA ARG B 326 -8.11 -4.77 -33.68
C ARG B 326 -8.92 -6.03 -33.85
N HIS B 327 -8.27 -7.20 -33.88
CA HIS B 327 -8.95 -8.47 -34.07
C HIS B 327 -9.42 -9.10 -32.75
N LEU B 328 -9.15 -8.45 -31.62
CA LEU B 328 -9.55 -8.97 -30.32
C LEU B 328 -10.95 -8.53 -29.91
N GLY B 329 -11.62 -7.71 -30.73
CA GLY B 329 -12.93 -7.20 -30.41
C GLY B 329 -12.93 -5.69 -30.27
N THR B 330 -13.84 -5.20 -29.44
CA THR B 330 -13.97 -3.77 -29.18
C THR B 330 -13.32 -3.42 -27.85
N PHE B 331 -12.64 -2.28 -27.81
CA PHE B 331 -11.97 -1.81 -26.61
C PHE B 331 -12.61 -0.52 -26.12
N LEU B 332 -12.96 -0.48 -24.85
CA LEU B 332 -13.50 0.70 -24.20
C LEU B 332 -12.59 1.08 -23.04
N GLY B 333 -12.84 2.26 -22.46
CA GLY B 333 -12.04 2.73 -21.35
C GLY B 333 -12.70 3.88 -20.64
N ILE B 334 -12.26 4.10 -19.41
CA ILE B 334 -12.80 5.14 -18.54
C ILE B 334 -11.73 6.21 -18.38
N THR B 335 -12.02 7.43 -18.85
CA THR B 335 -11.06 8.52 -18.88
C THR B 335 -11.73 9.81 -18.44
N ILE B 336 -10.93 10.87 -18.33
CA ILE B 336 -11.44 12.21 -18.08
C ILE B 336 -11.80 12.85 -19.41
N GLN B 337 -12.84 13.68 -19.41
CA GLN B 337 -13.27 14.32 -20.64
C GLN B 337 -12.15 15.11 -21.29
N SER B 338 -12.08 15.03 -22.61
CA SER B 338 -11.12 15.82 -23.37
C SER B 338 -11.58 17.26 -23.45
N VAL B 339 -10.76 18.16 -22.93
CA VAL B 339 -11.04 19.60 -22.94
C VAL B 339 -10.03 20.26 -23.87
N PRO B 340 -10.45 20.82 -24.99
CA PRO B 340 -9.48 21.37 -25.94
C PRO B 340 -8.81 22.63 -25.41
N ILE B 341 -7.54 22.52 -25.04
CA ILE B 341 -6.76 23.65 -24.55
C ILE B 341 -6.18 24.38 -25.76
N PRO B 342 -6.56 25.64 -25.99
CA PRO B 342 -6.07 26.34 -27.19
C PRO B 342 -4.58 26.65 -27.09
N GLY B 343 -3.84 26.26 -28.11
CA GLY B 343 -2.42 26.58 -28.19
C GLY B 343 -1.49 25.68 -27.42
N PHE B 344 -2.00 24.59 -26.83
CA PHE B 344 -1.12 23.69 -26.10
C PHE B 344 -0.26 22.85 -27.04
N SER B 345 -0.85 22.36 -28.13
CA SER B 345 -0.10 21.56 -29.08
C SER B 345 1.01 22.36 -29.72
N GLU B 346 0.74 23.63 -30.06
CA GLU B 346 1.77 24.48 -30.62
C GLU B 346 2.91 24.70 -29.64
N PHE B 347 2.58 24.89 -28.36
CA PHE B 347 3.61 25.04 -27.35
C PHE B 347 4.44 23.77 -27.21
N ARG B 348 3.79 22.60 -27.23
CA ARG B 348 4.51 21.34 -27.11
C ARG B 348 5.44 21.11 -28.30
N GLU B 349 4.96 21.43 -29.51
CA GLU B 349 5.77 21.19 -30.70
C GLU B 349 6.95 22.16 -30.79
N TRP B 350 6.74 23.41 -30.38
CA TRP B 350 7.80 24.41 -30.47
C TRP B 350 8.98 24.06 -29.56
N GLY B 351 8.70 23.58 -28.36
CA GLY B 351 9.75 23.24 -27.41
C GLY B 351 10.63 22.10 -27.87
N THR B 367 19.81 20.21 -9.99
CA THR B 367 20.40 19.18 -9.15
C THR B 367 20.41 17.83 -9.86
N CYS B 368 20.07 16.78 -9.12
CA CYS B 368 20.04 15.42 -9.65
C CYS B 368 18.61 14.93 -9.80
N ASN B 369 18.44 13.95 -10.70
CA ASN B 369 17.13 13.43 -11.06
C ASN B 369 16.21 14.53 -11.57
N GLN B 370 16.80 15.51 -12.27
CA GLN B 370 16.06 16.66 -12.76
C GLN B 370 16.37 16.97 -14.22
N GLU B 371 16.86 15.99 -14.98
CA GLU B 371 17.19 16.20 -16.37
C GLU B 371 16.93 14.90 -17.14
N CYS B 372 16.36 15.05 -18.33
CA CYS B 372 16.16 13.93 -19.23
C CYS B 372 16.50 14.38 -20.65
N ASP B 373 17.14 13.50 -21.41
CA ASP B 373 17.63 13.81 -22.74
C ASP B 373 16.85 13.14 -23.86
N ASN B 374 16.45 11.89 -23.68
CA ASN B 374 15.72 11.16 -24.72
C ASN B 374 14.25 11.53 -24.80
N CYS B 375 13.77 12.38 -23.90
CA CYS B 375 12.33 12.67 -23.85
C CYS B 375 11.86 13.34 -25.14
N LEU B 376 12.58 14.36 -25.60
CA LEU B 376 12.14 15.11 -26.77
C LEU B 376 12.10 14.22 -28.02
N ASN B 377 13.16 13.46 -28.25
CA ASN B 377 13.20 12.59 -29.41
C ASN B 377 12.14 11.49 -29.32
N ALA B 378 11.92 10.94 -28.13
CA ALA B 378 10.91 9.91 -27.96
C ALA B 378 9.51 10.45 -28.23
N THR B 379 9.22 11.67 -27.75
CA THR B 379 7.88 12.22 -27.93
C THR B 379 7.67 12.82 -29.31
N LEU B 380 8.76 13.09 -30.05
CA LEU B 380 8.61 13.65 -31.39
C LEU B 380 7.82 12.70 -32.29
N SER B 381 8.09 11.40 -32.22
CA SER B 381 7.35 10.44 -33.02
C SER B 381 5.89 10.33 -32.57
N PHE B 382 5.56 10.81 -31.38
CA PHE B 382 4.22 10.73 -30.83
C PHE B 382 3.43 12.02 -30.98
N ASN B 383 3.97 13.00 -31.71
CA ASN B 383 3.33 14.32 -31.78
C ASN B 383 1.96 14.24 -32.43
N THR B 384 1.83 13.46 -33.51
CA THR B 384 0.57 13.44 -34.25
C THR B 384 -0.54 12.80 -33.45
N ILE B 385 -0.28 11.62 -32.87
CA ILE B 385 -1.31 10.91 -32.12
C ILE B 385 -1.67 11.67 -30.84
N LEU B 386 -0.68 12.25 -30.18
CA LEU B 386 -0.96 13.04 -28.99
C LEU B 386 -1.78 14.28 -29.32
N ARG B 387 -1.48 14.94 -30.44
CA ARG B 387 -2.26 16.09 -30.86
C ARG B 387 -3.70 15.70 -31.19
N LEU B 388 -3.88 14.58 -31.89
CA LEU B 388 -5.23 14.16 -32.27
C LEU B 388 -6.03 13.67 -31.08
N SER B 389 -5.39 13.01 -30.11
CA SER B 389 -6.11 12.39 -29.01
C SER B 389 -6.68 13.39 -28.02
N GLY B 390 -6.30 14.67 -28.11
CA GLY B 390 -6.81 15.66 -27.19
C GLY B 390 -6.08 15.64 -25.85
N GLU B 391 -6.64 16.39 -24.90
CA GLU B 391 -6.05 16.56 -23.57
C GLU B 391 -7.05 16.07 -22.53
N ARG B 392 -6.67 15.02 -21.80
CA ARG B 392 -7.52 14.46 -20.75
C ARG B 392 -6.91 14.62 -19.37
N VAL B 393 -5.69 14.14 -19.15
CA VAL B 393 -4.99 14.41 -17.90
C VAL B 393 -4.17 15.69 -18.00
N VAL B 394 -3.82 16.12 -19.22
CA VAL B 394 -3.20 17.42 -19.40
C VAL B 394 -4.10 18.51 -18.84
N TYR B 395 -5.41 18.40 -19.06
CA TYR B 395 -6.34 19.35 -18.48
C TYR B 395 -6.35 19.26 -16.97
N SER B 396 -6.17 18.05 -16.42
CA SER B 396 -6.11 17.91 -14.97
C SER B 396 -4.92 18.67 -14.39
N VAL B 397 -3.74 18.53 -14.99
CA VAL B 397 -2.58 19.25 -14.52
C VAL B 397 -2.75 20.76 -14.72
N TYR B 398 -3.31 21.15 -15.87
CA TYR B 398 -3.59 22.55 -16.15
C TYR B 398 -4.49 23.15 -15.06
N SER B 399 -5.57 22.44 -14.73
CA SER B 399 -6.51 22.94 -13.73
C SER B 399 -5.89 22.96 -12.34
N ALA B 400 -5.04 21.98 -12.03
CA ALA B 400 -4.37 21.99 -10.72
C ALA B 400 -3.46 23.20 -10.59
N VAL B 401 -2.67 23.48 -11.62
CA VAL B 401 -1.77 24.63 -11.58
C VAL B 401 -2.57 25.92 -11.48
N TYR B 402 -3.66 26.03 -12.26
CA TYR B 402 -4.48 27.23 -12.19
C TYR B 402 -5.18 27.37 -10.84
N ALA B 403 -5.57 26.26 -10.22
CA ALA B 403 -6.18 26.33 -8.89
C ALA B 403 -5.18 26.83 -7.87
N VAL B 404 -3.93 26.36 -7.94
CA VAL B 404 -2.91 26.88 -7.04
C VAL B 404 -2.69 28.37 -7.28
N ALA B 405 -2.65 28.78 -8.55
CA ALA B 405 -2.46 30.19 -8.87
C ALA B 405 -3.61 31.04 -8.34
N HIS B 406 -4.85 30.56 -8.49
CA HIS B 406 -6.01 31.28 -7.98
C HIS B 406 -5.99 31.37 -6.46
N ALA B 407 -5.60 30.29 -5.79
CA ALA B 407 -5.49 30.33 -4.33
C ALA B 407 -4.44 31.33 -3.90
N LEU B 408 -3.29 31.35 -4.58
CA LEU B 408 -2.25 32.31 -4.24
C LEU B 408 -2.70 33.74 -4.50
N HIS B 409 -3.44 33.95 -5.60
CA HIS B 409 -3.95 35.29 -5.90
C HIS B 409 -4.93 35.76 -4.85
N SER B 410 -5.83 34.88 -4.41
CA SER B 410 -6.78 35.25 -3.37
C SER B 410 -6.07 35.50 -2.04
N LEU B 411 -5.09 34.66 -1.71
CA LEU B 411 -4.38 34.80 -0.44
C LEU B 411 -3.58 36.10 -0.41
N LEU B 412 -2.87 36.43 -1.49
CA LEU B 412 -2.15 37.69 -1.55
C LEU B 412 -3.07 38.89 -1.57
N GLY B 413 -4.33 38.70 -1.95
CA GLY B 413 -5.29 39.79 -1.93
C GLY B 413 -5.01 40.93 -2.88
N CYS B 414 -4.64 40.61 -4.12
CA CYS B 414 -4.45 41.63 -5.15
C CYS B 414 -5.64 41.63 -6.09
N ASP B 415 -5.93 42.80 -6.66
CA ASP B 415 -7.07 42.98 -7.55
C ASP B 415 -6.67 43.77 -8.79
N LYS B 416 -6.12 43.06 -9.78
CA LYS B 416 -5.74 43.64 -11.07
C LYS B 416 -4.70 44.75 -10.92
N SER B 417 -3.83 44.61 -9.92
CA SER B 417 -2.77 45.58 -9.68
C SER B 417 -1.65 44.88 -8.93
N THR B 418 -0.71 45.66 -8.41
CA THR B 418 0.41 45.09 -7.66
C THR B 418 -0.08 44.34 -6.43
N CYS B 419 0.57 43.23 -6.13
CA CYS B 419 0.23 42.42 -4.96
C CYS B 419 0.95 42.93 -3.73
N THR B 420 0.54 42.40 -2.57
CA THR B 420 1.16 42.77 -1.31
C THR B 420 2.49 42.08 -1.06
N LYS B 421 2.89 41.19 -1.96
CA LYS B 421 4.21 40.53 -1.85
C LYS B 421 4.51 40.19 -0.39
N ARG B 422 3.53 39.62 0.32
CA ARG B 422 3.78 39.18 1.69
C ARG B 422 4.38 37.77 1.71
N VAL B 423 4.94 37.41 2.86
CA VAL B 423 5.42 36.06 3.06
C VAL B 423 4.23 35.12 3.20
N VAL B 424 4.32 33.96 2.55
CA VAL B 424 3.24 32.99 2.52
C VAL B 424 3.74 31.68 3.12
N TYR B 425 3.02 31.18 4.09
CA TYR B 425 3.32 29.86 4.60
C TYR B 425 2.45 28.82 3.93
N PRO B 426 2.97 27.60 3.74
CA PRO B 426 2.19 26.59 3.00
C PRO B 426 0.84 26.27 3.61
N TRP B 427 0.72 26.29 4.94
CA TRP B 427 -0.58 26.01 5.55
C TRP B 427 -1.60 27.10 5.23
N GLN B 428 -1.16 28.35 5.13
CA GLN B 428 -2.07 29.42 4.72
C GLN B 428 -2.58 29.19 3.31
N LEU B 429 -1.69 28.79 2.39
CA LEU B 429 -2.11 28.52 1.02
C LEU B 429 -3.07 27.33 0.97
N LEU B 430 -2.79 26.29 1.77
CA LEU B 430 -3.70 25.15 1.81
C LEU B 430 -5.07 25.55 2.36
N GLU B 431 -5.08 26.42 3.37
CA GLU B 431 -6.35 26.89 3.91
C GLU B 431 -7.13 27.69 2.88
N GLU B 432 -6.45 28.52 2.10
CA GLU B 432 -7.12 29.35 1.10
C GLU B 432 -7.43 28.59 -0.19
N ILE B 433 -6.83 27.41 -0.39
CA ILE B 433 -7.06 26.67 -1.62
C ILE B 433 -8.37 25.90 -1.63
N TRP B 434 -9.02 25.73 -0.47
CA TRP B 434 -10.27 24.98 -0.44
C TRP B 434 -11.43 25.78 -1.01
N LYS B 435 -11.34 27.11 -1.03
CA LYS B 435 -12.45 27.96 -1.43
C LYS B 435 -12.32 28.48 -2.85
N VAL B 436 -11.42 27.93 -3.65
CA VAL B 436 -11.27 28.38 -5.02
C VAL B 436 -12.49 27.96 -5.84
N ASN B 437 -13.05 28.90 -6.61
CA ASN B 437 -14.21 28.62 -7.44
C ASN B 437 -14.15 29.56 -8.63
N PHE B 438 -13.99 29.02 -9.82
CA PHE B 438 -13.76 29.83 -11.00
C PHE B 438 -14.15 29.05 -12.25
N THR B 439 -14.33 29.78 -13.34
CA THR B 439 -14.63 29.19 -14.65
C THR B 439 -13.32 29.07 -15.42
N LEU B 440 -13.03 27.86 -15.89
CA LEU B 440 -11.79 27.56 -16.58
C LEU B 440 -12.11 26.68 -17.79
N LEU B 441 -11.95 27.25 -18.99
CA LEU B 441 -12.30 26.55 -20.23
C LEU B 441 -13.74 26.06 -20.19
N ASP B 442 -14.64 26.94 -19.74
CA ASP B 442 -16.07 26.66 -19.64
C ASP B 442 -16.39 25.52 -18.67
N HIS B 443 -15.50 25.29 -17.70
CA HIS B 443 -15.69 24.27 -16.69
C HIS B 443 -15.50 24.88 -15.31
N GLN B 444 -16.25 24.37 -14.34
CA GLN B 444 -16.21 24.86 -12.98
C GLN B 444 -15.20 24.04 -12.17
N ILE B 445 -14.31 24.74 -11.47
CA ILE B 445 -13.27 24.10 -10.67
C ILE B 445 -13.47 24.52 -9.22
N PHE B 446 -14.02 23.61 -8.42
CA PHE B 446 -14.13 23.80 -6.98
C PHE B 446 -13.99 22.46 -6.31
N PHE B 447 -13.54 22.48 -5.06
CA PHE B 447 -13.16 21.26 -4.35
C PHE B 447 -14.28 20.83 -3.41
N ASP B 448 -14.55 19.53 -3.40
CA ASP B 448 -15.50 18.93 -2.49
C ASP B 448 -14.92 18.93 -1.08
N PRO B 449 -15.76 18.72 -0.06
CA PRO B 449 -15.23 18.64 1.32
C PRO B 449 -14.20 17.54 1.50
N GLN B 450 -14.19 16.51 0.66
CA GLN B 450 -13.21 15.44 0.73
C GLN B 450 -12.09 15.61 -0.28
N GLY B 451 -11.86 16.82 -0.76
CA GLY B 451 -10.73 17.12 -1.64
C GLY B 451 -10.78 16.48 -3.00
N ASP B 452 -11.93 16.49 -3.67
CA ASP B 452 -12.06 16.00 -5.03
C ASP B 452 -12.69 17.06 -5.90
N VAL B 453 -12.32 17.07 -7.17
CA VAL B 453 -12.87 17.99 -8.16
C VAL B 453 -13.79 17.21 -9.07
N ALA B 454 -15.01 17.71 -9.27
CA ALA B 454 -16.03 17.03 -10.05
C ALA B 454 -15.80 17.32 -11.54
N LEU B 455 -14.88 16.58 -12.12
CA LEU B 455 -14.60 16.63 -13.55
C LEU B 455 -15.22 15.42 -14.21
N HIS B 456 -16.05 15.67 -15.23
CA HIS B 456 -16.84 14.59 -15.82
C HIS B 456 -15.95 13.54 -16.46
N LEU B 457 -16.33 12.28 -16.28
CA LEU B 457 -15.64 11.17 -16.92
C LEU B 457 -16.22 10.93 -18.31
N GLU B 458 -15.59 10.02 -19.05
CA GLU B 458 -16.01 9.72 -20.41
C GLU B 458 -15.60 8.31 -20.76
N ILE B 459 -16.55 7.52 -21.24
CA ILE B 459 -16.25 6.20 -21.80
C ILE B 459 -15.76 6.40 -23.22
N VAL B 460 -14.56 5.92 -23.52
CA VAL B 460 -13.92 6.14 -24.81
C VAL B 460 -13.75 4.79 -25.49
N GLN B 461 -13.76 4.80 -26.82
CA GLN B 461 -13.66 3.59 -27.61
C GLN B 461 -12.44 3.69 -28.53
N TRP B 462 -11.68 2.61 -28.61
CA TRP B 462 -10.46 2.60 -29.42
C TRP B 462 -10.81 2.32 -30.88
N GLN B 463 -10.47 3.26 -31.75
CA GLN B 463 -10.52 3.04 -33.19
C GLN B 463 -9.15 3.32 -33.78
N TRP B 464 -8.80 2.56 -34.81
CA TRP B 464 -7.47 2.60 -35.40
C TRP B 464 -7.54 3.32 -36.74
N ASP B 465 -7.44 4.65 -36.69
CA ASP B 465 -7.41 5.49 -37.89
C ASP B 465 -6.43 6.62 -37.60
N ARG B 466 -5.24 6.55 -38.19
CA ARG B 466 -4.20 7.52 -37.89
C ARG B 466 -4.56 8.93 -38.36
N SER B 467 -5.55 9.07 -39.24
CA SER B 467 -5.97 10.37 -39.72
C SER B 467 -7.05 11.01 -38.85
N GLN B 468 -7.61 10.27 -37.89
CA GLN B 468 -8.68 10.75 -37.04
C GLN B 468 -8.28 10.63 -35.58
N ASN B 469 -9.21 10.98 -34.70
CA ASN B 469 -8.97 10.88 -33.26
C ASN B 469 -8.82 9.41 -32.89
N PRO B 470 -7.72 9.02 -32.23
CA PRO B 470 -7.57 7.60 -31.88
C PRO B 470 -8.53 7.14 -30.80
N PHE B 471 -8.83 7.99 -29.82
CA PHE B 471 -9.74 7.66 -28.73
C PHE B 471 -11.01 8.49 -28.91
N GLN B 472 -12.06 7.85 -29.40
CA GLN B 472 -13.31 8.52 -29.70
C GLN B 472 -14.28 8.39 -28.53
N SER B 473 -14.78 9.53 -28.07
CA SER B 473 -15.71 9.54 -26.95
C SER B 473 -17.06 8.98 -27.38
N VAL B 474 -17.59 8.03 -26.61
CA VAL B 474 -18.88 7.42 -26.91
C VAL B 474 -19.89 7.59 -25.79
N ALA B 475 -19.48 8.05 -24.61
CA ALA B 475 -20.40 8.26 -23.50
C ALA B 475 -19.80 9.28 -22.55
N SER B 476 -20.69 9.98 -21.83
CA SER B 476 -20.30 11.00 -20.87
C SER B 476 -20.87 10.66 -19.51
N TYR B 477 -20.04 10.75 -18.48
CA TYR B 477 -20.42 10.43 -17.11
C TYR B 477 -20.32 11.69 -16.26
N TYR B 478 -21.38 12.00 -15.52
CA TYR B 478 -21.42 13.18 -14.67
C TYR B 478 -21.32 12.76 -13.21
N PRO B 479 -20.20 13.02 -12.53
CA PRO B 479 -20.04 12.53 -11.15
C PRO B 479 -21.05 13.10 -10.17
N LEU B 480 -21.49 14.35 -10.36
CA LEU B 480 -22.35 14.98 -9.37
C LEU B 480 -23.68 14.25 -9.21
N GLN B 481 -24.29 13.85 -10.32
CA GLN B 481 -25.54 13.10 -10.28
C GLN B 481 -25.34 11.60 -10.41
N ARG B 482 -24.09 11.15 -10.58
CA ARG B 482 -23.76 9.73 -10.69
C ARG B 482 -24.60 9.05 -11.77
N GLN B 483 -24.73 9.72 -12.92
CA GLN B 483 -25.53 9.23 -14.03
C GLN B 483 -24.70 9.24 -15.30
N LEU B 484 -24.83 8.17 -16.09
CA LEU B 484 -24.15 8.06 -17.38
C LEU B 484 -25.19 8.28 -18.48
N LYS B 485 -24.93 9.28 -19.33
CA LYS B 485 -25.89 9.65 -20.36
C LYS B 485 -25.13 10.07 -21.62
N ASN B 486 -25.89 10.51 -22.62
CA ASN B 486 -25.33 10.98 -23.89
C ASN B 486 -24.48 9.89 -24.56
N ILE B 487 -24.99 8.66 -24.56
CA ILE B 487 -24.30 7.56 -25.23
C ILE B 487 -24.55 7.66 -26.73
N GLN B 488 -23.48 7.59 -27.50
CA GLN B 488 -23.54 7.71 -28.95
C GLN B 488 -23.33 6.34 -29.60
N ASP B 489 -23.30 6.33 -30.92
CA ASP B 489 -23.14 5.09 -31.68
C ASP B 489 -21.77 4.48 -31.43
N ILE B 490 -21.75 3.19 -31.11
CA ILE B 490 -20.46 2.48 -30.85
C ILE B 490 -20.27 1.43 -31.95
N SER B 491 -19.09 1.40 -32.57
CA SER B 491 -18.81 0.42 -33.65
C SER B 491 -18.42 -0.93 -33.00
N TRP B 492 -19.35 -1.88 -32.99
CA TRP B 492 -19.09 -3.17 -32.31
C TRP B 492 -18.32 -4.10 -33.24
N HIS B 493 -18.00 -5.30 -32.77
CA HIS B 493 -17.25 -6.29 -33.58
C HIS B 493 -18.21 -7.29 -34.22
N THR B 494 -19.51 -7.12 -34.00
CA THR B 494 -20.48 -8.12 -34.49
C THR B 494 -20.77 -7.91 -35.96
N ILE B 495 -21.62 -8.77 -36.56
CA ILE B 495 -21.87 -8.72 -38.02
C ILE B 495 -22.60 -7.44 -38.44
N ASN B 496 -23.79 -7.18 -37.87
CA ASN B 496 -24.58 -6.00 -38.31
C ASN B 496 -24.48 -4.90 -37.25
N ASN B 497 -23.47 -5.00 -36.38
CA ASN B 497 -23.28 -4.02 -35.27
C ASN B 497 -24.21 -4.43 -34.12
N THR B 498 -24.76 -5.63 -34.17
CA THR B 498 -25.58 -6.11 -33.04
C THR B 498 -24.80 -5.92 -31.76
N ILE B 499 -25.40 -5.33 -30.74
CA ILE B 499 -24.71 -5.19 -29.43
C ILE B 499 -24.31 -6.59 -28.95
N PRO B 500 -23.06 -6.83 -28.51
CA PRO B 500 -22.59 -8.16 -28.03
C PRO B 500 -23.48 -8.68 -26.91
N MET B 501 -23.74 -9.99 -26.87
CA MET B 501 -24.54 -10.60 -25.82
C MET B 501 -23.62 -11.31 -24.85
N SER B 502 -23.64 -10.88 -23.58
CA SER B 502 -22.87 -11.52 -22.51
C SER B 502 -23.81 -11.76 -21.34
N MET B 503 -24.53 -12.87 -21.40
CA MET B 503 -25.39 -13.31 -20.32
C MET B 503 -25.20 -14.82 -20.14
N CYS B 504 -25.16 -15.26 -18.89
CA CYS B 504 -24.88 -16.66 -18.61
C CYS B 504 -26.09 -17.56 -18.79
N SER B 505 -27.28 -16.99 -19.05
CA SER B 505 -28.47 -17.78 -19.27
C SER B 505 -29.49 -16.94 -20.04
N LYS B 506 -30.13 -17.53 -21.04
CA LYS B 506 -31.15 -16.82 -21.79
C LYS B 506 -32.38 -16.57 -20.94
N ARG B 507 -33.09 -15.49 -21.25
CA ARG B 507 -34.25 -15.10 -20.47
C ARG B 507 -35.37 -16.12 -20.64
N CYS B 508 -35.92 -16.57 -19.52
CA CYS B 508 -37.00 -17.57 -19.54
C CYS B 508 -38.27 -16.96 -20.13
N LYS B 514 -37.32 -21.99 -13.39
CA LYS B 514 -36.45 -20.87 -13.09
C LYS B 514 -35.55 -21.17 -11.89
N LYS B 515 -35.28 -22.46 -11.68
CA LYS B 515 -34.46 -22.85 -10.53
C LYS B 515 -33.01 -22.41 -10.75
N PRO B 516 -32.35 -21.88 -9.72
CA PRO B 516 -30.97 -21.41 -9.88
C PRO B 516 -29.98 -22.54 -9.81
N VAL B 517 -28.88 -22.37 -10.54
CA VAL B 517 -27.76 -23.31 -10.53
C VAL B 517 -26.49 -22.52 -10.26
N GLY B 518 -25.68 -23.00 -9.31
CA GLY B 518 -24.44 -22.35 -8.96
C GLY B 518 -24.62 -21.23 -7.95
N ILE B 519 -23.49 -20.68 -7.52
CA ILE B 519 -23.49 -19.62 -6.51
C ILE B 519 -24.17 -18.36 -7.04
N HIS B 520 -23.85 -17.98 -8.28
CA HIS B 520 -24.32 -16.72 -8.82
C HIS B 520 -25.82 -16.77 -9.10
N VAL B 521 -26.51 -15.69 -8.73
CA VAL B 521 -27.95 -15.59 -8.99
C VAL B 521 -28.22 -15.49 -10.50
N CYS B 522 -27.33 -14.83 -11.24
CA CYS B 522 -27.56 -14.57 -12.66
C CYS B 522 -27.72 -15.85 -13.45
N CYS B 523 -27.17 -16.96 -12.96
CA CYS B 523 -27.20 -18.24 -13.66
C CYS B 523 -28.35 -19.11 -13.19
N PHE B 524 -29.07 -19.69 -14.14
CA PHE B 524 -30.20 -20.56 -13.84
C PHE B 524 -30.45 -21.45 -15.05
N GLU B 525 -31.50 -22.26 -14.97
CA GLU B 525 -31.93 -23.07 -16.10
C GLU B 525 -33.44 -22.94 -16.26
N CYS B 526 -33.88 -22.65 -17.48
CA CYS B 526 -35.30 -22.48 -17.75
C CYS B 526 -36.03 -23.80 -17.54
N ILE B 527 -37.23 -23.72 -16.96
CA ILE B 527 -38.03 -24.90 -16.67
C ILE B 527 -39.32 -24.85 -17.46
C1 NAG C . 11.32 -29.82 9.28
C2 NAG C . 12.82 -30.10 9.16
C3 NAG C . 13.03 -31.46 8.49
C4 NAG C . 12.26 -32.54 9.25
C5 NAG C . 10.79 -32.12 9.37
C6 NAG C . 9.94 -33.11 10.13
C7 NAG C . 14.24 -28.11 8.99
C8 NAG C . 14.82 -27.10 8.04
N2 NAG C . 13.46 -29.05 8.43
O3 NAG C . 14.42 -31.72 8.48
O4 NAG C . 12.40 -33.74 8.53
O5 NAG C . 10.71 -30.86 10.01
O6 NAG C . 8.60 -32.66 10.19
O7 NAG C . 14.46 -28.05 10.20
C1 NAG D . -24.25 -9.69 18.29
C2 NAG D . -24.00 -8.32 18.95
C3 NAG D . -25.31 -7.64 19.32
C4 NAG D . -26.30 -7.66 18.17
C5 NAG D . -26.47 -9.13 17.73
C6 NAG D . -27.50 -9.34 16.65
C7 NAG D . -22.02 -7.92 20.37
C8 NAG D . -21.39 -8.26 21.71
N2 NAG D . -23.21 -8.50 20.15
O3 NAG D . -25.00 -6.31 19.70
O4 NAG D . -27.51 -7.12 18.63
O5 NAG D . -25.21 -9.57 17.27
O6 NAG D . -27.31 -8.41 15.61
O7 NAG D . -21.47 -7.17 19.59
C1 NAG E . -26.96 -21.73 5.90
C2 NAG E . -28.44 -21.30 5.94
C3 NAG E . -29.40 -22.40 6.38
C4 NAG E . -29.14 -23.67 5.59
C5 NAG E . -27.71 -24.06 5.95
C6 NAG E . -27.30 -25.39 5.34
C7 NAG E . -28.45 -20.05 8.09
C8 NAG E . -28.71 -18.69 8.69
N2 NAG E . -28.62 -20.12 6.77
O3 NAG E . -30.71 -21.93 6.19
O4 NAG E . -30.09 -24.64 5.98
O5 NAG E . -26.83 -23.07 5.49
O6 NAG E . -27.28 -25.26 3.93
O7 NAG E . -28.10 -20.99 8.80
C1 NAG F . 41.79 -8.15 18.79
C2 NAG F . 43.16 -8.63 18.26
C3 NAG F . 44.30 -7.88 18.95
C4 NAG F . 44.07 -6.38 18.88
C5 NAG F . 42.67 -6.06 19.44
C6 NAG F . 42.35 -4.59 19.46
C7 NAG F . 43.33 -10.77 19.54
C8 NAG F . 43.49 -12.26 19.35
N2 NAG F . 43.30 -10.06 18.39
O3 NAG F . 45.50 -8.27 18.33
O4 NAG F . 45.08 -5.76 19.64
O5 NAG F . 41.71 -6.75 18.65
O6 NAG F . 42.96 -3.96 18.35
O7 NAG F . 43.23 -10.29 20.66
C1 NAG G . 25.23 -5.73 34.81
C2 NAG G . 23.79 -5.97 35.27
C3 NAG G . 23.59 -5.41 36.68
C4 NAG G . 24.64 -5.99 37.63
C5 NAG G . 26.04 -5.74 37.05
C6 NAG G . 27.15 -6.32 37.89
C7 NAG G . 21.91 -6.05 33.67
C8 NAG G . 21.89 -7.55 33.89
N2 NAG G . 22.84 -5.37 34.36
O3 NAG G . 22.29 -5.70 37.10
O4 NAG G . 24.48 -5.36 38.88
O5 NAG G . 26.10 -6.31 35.75
O6 NAG G . 28.35 -6.31 37.16
O7 NAG G . 21.12 -5.51 32.90
C1 NAG H . 25.83 10.30 -5.22
C2 NAG H . 26.54 9.36 -6.19
C3 NAG H . 27.89 9.95 -6.59
C4 NAG H . 27.72 11.37 -7.10
C5 NAG H . 26.95 12.19 -6.07
C6 NAG H . 26.69 13.63 -6.49
C7 NAG H . 25.98 6.97 -5.92
C8 NAG H . 24.92 7.16 -6.99
N2 NAG H . 26.70 8.05 -5.60
O3 NAG H . 28.46 9.11 -7.56
O4 NAG H . 29.01 11.89 -7.33
O5 NAG H . 25.70 11.57 -5.82
O6 NAG H . 27.90 14.36 -6.45
O7 NAG H . 26.14 5.87 -5.39
C1 NAG I . -2.53 3.77 36.78
C2 NAG I . -3.07 4.73 35.72
C3 NAG I . -4.31 5.44 36.25
C4 NAG I . -5.33 4.42 36.78
C5 NAG I . -4.64 3.57 37.84
C6 NAG I . -5.53 2.51 38.46
C7 NAG I . -1.83 6.12 34.08
C8 NAG I . -2.68 5.49 33.00
N2 NAG I . -2.09 5.70 35.33
O3 NAG I . -4.86 6.23 35.23
O4 NAG I . -6.42 5.15 37.30
O5 NAG I . -3.55 2.92 37.24
O6 NAG I . -5.83 1.53 37.50
O7 NAG I . -0.97 6.95 33.80
C1 NAG J . 25.44 -16.92 3.41
C2 NAG J . 26.15 -17.58 4.61
C3 NAG J . 26.70 -18.95 4.23
C4 NAG J . 25.67 -19.79 3.50
C5 NAG J . 25.13 -18.98 2.32
C6 NAG J . 24.12 -19.71 1.45
C7 NAG J . 27.41 -16.39 6.39
C8 NAG J . 26.43 -16.99 7.38
N2 NAG J . 27.21 -16.73 5.10
O3 NAG J . 27.15 -19.58 5.41
O4 NAG J . 26.30 -20.97 3.08
O5 NAG J . 24.52 -17.82 2.84
O6 NAG J . 22.87 -19.74 2.08
O7 NAG J . 28.33 -15.68 6.76
C1 NAG K . -27.57 -7.67 -41.73
C2 NAG K . -28.14 -9.07 -42.00
C3 NAG K . -28.50 -9.20 -43.48
C4 NAG K . -29.41 -8.05 -43.91
C5 NAG K . -28.74 -6.72 -43.53
C6 NAG K . -29.56 -5.50 -43.90
C7 NAG K . -27.35 -10.91 -40.57
C8 NAG K . -26.24 -11.91 -40.36
N2 NAG K . -27.19 -10.09 -41.62
O3 NAG K . -29.11 -10.44 -43.67
O4 NAG K . -29.61 -8.16 -45.29
O5 NAG K . -28.50 -6.70 -42.13
O6 NAG K . -30.83 -5.57 -43.29
O7 NAG K . -28.32 -10.87 -39.82
C1 NAG L . 2.86 34.28 -23.87
C2 NAG L . 4.21 35.04 -23.87
C3 NAG L . 5.10 34.49 -24.99
C4 NAG L . 5.19 32.97 -24.94
C5 NAG L . 3.78 32.37 -24.88
C6 NAG L . 3.74 30.86 -24.77
C7 NAG L . 3.49 37.14 -25.03
C8 NAG L . 3.45 38.64 -24.85
N2 NAG L . 4.03 36.46 -23.99
O3 NAG L . 6.36 35.10 -24.87
O4 NAG L . 5.88 32.55 -26.09
O5 NAG L . 3.11 32.90 -23.75
O6 NAG L . 2.45 30.45 -24.40
O7 NAG L . 3.04 36.62 -26.04
C1 NAG M . -19.04 28.74 -7.90
C2 NAG M . -20.13 28.11 -7.03
C3 NAG M . -21.29 27.72 -7.95
C4 NAG M . -21.78 28.93 -8.72
C5 NAG M . -20.60 29.59 -9.46
C6 NAG M . -20.96 30.85 -10.20
C7 NAG M . -19.40 26.96 -4.99
C8 NAG M . -18.86 25.67 -4.44
N2 NAG M . -19.62 26.97 -6.32
O3 NAG M . -22.30 27.16 -7.14
O4 NAG M . -22.77 28.49 -9.62
O5 NAG M . -19.57 29.88 -8.53
O6 NAG M . -21.26 31.87 -9.28
O7 NAG M . -19.61 27.93 -4.28
C1 NAG N . 3.68 2.12 -33.97
C2 NAG N . 5.14 2.46 -33.68
C3 NAG N . 5.97 2.51 -34.97
C4 NAG N . 5.70 1.29 -35.83
C5 NAG N . 4.20 1.11 -36.02
C6 NAG N . 3.82 -0.07 -36.89
C7 NAG N . 4.98 4.97 -33.01
C8 NAG N . 4.32 5.45 -34.29
N2 NAG N . 5.30 3.66 -32.85
O3 NAG N . 7.33 2.61 -34.61
O4 NAG N . 6.35 1.50 -37.08
O5 NAG N . 3.60 0.95 -34.74
O6 NAG N . 4.44 -1.24 -36.40
O7 NAG N . 5.22 5.78 -32.14
C1 NAG O . 16.32 -13.78 -23.85
C2 NAG O . 15.42 -14.11 -25.04
C3 NAG O . 16.24 -14.14 -26.32
C4 NAG O . 17.00 -12.83 -26.47
C5 NAG O . 17.82 -12.55 -25.20
C6 NAG O . 18.57 -11.25 -25.23
C7 NAG O . 15.20 -16.58 -24.62
C8 NAG O . 14.17 -17.66 -24.46
N2 NAG O . 14.69 -15.35 -24.84
O3 NAG O . 15.37 -14.36 -27.40
O4 NAG O . 17.83 -12.95 -27.61
O5 NAG O . 16.95 -12.55 -24.08
O6 NAG O . 17.66 -10.17 -25.33
O7 NAG O . 16.40 -16.83 -24.56
C1 NAG P . -5.02 -18.90 -34.77
C2 NAG P . -4.46 -19.17 -36.18
C3 NAG P . -3.72 -20.51 -36.23
C4 NAG P . -2.71 -20.62 -35.08
C5 NAG P . -3.45 -20.32 -33.77
C6 NAG P . -2.57 -20.46 -32.54
C7 NAG P . -6.57 -19.91 -37.28
C8 NAG P . -7.48 -19.59 -38.45
N2 NAG P . -5.49 -19.11 -37.18
O3 NAG P . -3.09 -20.60 -37.48
O4 NAG P . -2.20 -21.93 -35.10
O5 NAG P . -3.96 -19.00 -33.84
O6 NAG P . -1.31 -19.89 -32.78
O7 NAG P . -6.85 -20.82 -36.52
C1 NAG Q . 17.35 12.91 -31.98
C2 NAG Q . 18.75 13.04 -31.37
C3 NAG Q . 19.69 13.74 -32.34
C4 NAG Q . 19.64 13.08 -33.72
C5 NAG Q . 18.19 13.04 -34.19
C6 NAG Q . 17.98 12.46 -35.56
C7 NAG Q . 18.91 13.27 -28.91
C8 NAG Q . 19.25 11.80 -28.87
N2 NAG Q . 18.69 13.78 -30.14
O3 NAG Q . 20.98 13.71 -31.80
O4 NAG Q . 20.44 13.85 -34.59
O5 NAG Q . 17.44 12.29 -33.25
O6 NAG Q . 16.63 12.52 -35.93
O7 NAG Q . 18.86 13.93 -27.89
#